data_8GYI
#
_entry.id   8GYI
#
_cell.length_a   201.628
_cell.length_b   201.628
_cell.length_c   57.009
_cell.angle_alpha   90.000
_cell.angle_beta   90.000
_cell.angle_gamma   120.000
#
_symmetry.space_group_name_H-M   'P 65'
#
loop_
_entity.id
_entity.type
_entity.pdbx_description
1 polymer 'DegT/DnrJ/EryC1/StrS family aminotransferase'
2 non-polymer GLYCEROL
3 non-polymer IMIDAZOLE
4 non-polymer "PYRIDOXAL-5'-PHOSPHATE"
5 water water
#
_entity_poly.entity_id   1
_entity_poly.type   'polypeptide(L)'
_entity_poly.pdbx_seq_one_letter_code
;MSKLAAFGGPPAVPRDRRHVEWPLVEDEDRKAVIDALDGARLVSNSDGENPVSTLEEQWAGRFGFGHCVAVSTGTAALSL
ALAALGVGPGDEVIVPALSFIATGLAPVHQMAVPVFADVDPVTFNLDPDDVERRITGRTAAIIPVHLHGAPADMDRITAI
ARRHGLAVIEDAAQAPGATHRGRPVGGIGDAGAFSLQATKNIPTCGEGGLLVTGNAELAESVRRGRQFGEVIESGRERDY
VSYGLGWNHKMNALQAAFTSAQLTRFDDYESARQRNVAAFLARLAELPGLRVPTAAPDTTHAWHILRFRFDPAAFGLDGV
RPQALRSALRRLLRAEGVPMSQYQLMPLPDQKVFVDRVGFGGGYPWTVTGATGPAAGEDHPVARAVIADSLTLQKRHLHP
ESGELLHLYADAFEKVWANPDMVATLAGAASGGHHHHHH
;
_entity_poly.pdbx_strand_id   A,B
#
loop_
_chem_comp.id
_chem_comp.type
_chem_comp.name
_chem_comp.formula
GOL non-polymer GLYCEROL 'C3 H8 O3'
IMD non-polymer IMIDAZOLE 'C3 H5 N2 1'
PLP non-polymer PYRIDOXAL-5'-PHOSPHATE 'C8 H10 N O6 P'
#
# COMPACT_ATOMS: atom_id res chain seq x y z
N SER A 2 -37.02 -13.95 -30.27
CA SER A 2 -36.41 -12.79 -30.99
C SER A 2 -35.19 -13.25 -31.80
N LYS A 3 -34.95 -12.60 -32.94
CA LYS A 3 -33.78 -12.81 -33.83
C LYS A 3 -32.50 -12.40 -33.07
N LEU A 4 -31.42 -13.15 -33.25
CA LEU A 4 -30.11 -12.88 -32.57
C LEU A 4 -29.56 -11.53 -33.04
N ALA A 5 -29.06 -10.73 -32.09
CA ALA A 5 -28.38 -9.44 -32.33
C ALA A 5 -27.20 -9.65 -33.28
N ALA A 6 -26.46 -10.75 -33.11
CA ALA A 6 -25.29 -11.13 -33.92
C ALA A 6 -25.67 -11.20 -35.41
N PHE A 7 -26.94 -11.52 -35.72
CA PHE A 7 -27.44 -11.69 -37.11
C PHE A 7 -28.47 -10.62 -37.46
N GLY A 8 -28.52 -9.51 -36.70
CA GLY A 8 -29.23 -8.28 -37.08
C GLY A 8 -30.46 -8.00 -36.23
N GLY A 9 -30.81 -8.91 -35.30
CA GLY A 9 -31.95 -8.72 -34.38
C GLY A 9 -31.68 -7.61 -33.38
N PRO A 10 -32.68 -7.19 -32.58
CA PRO A 10 -32.47 -6.20 -31.53
C PRO A 10 -31.77 -6.88 -30.37
N PRO A 11 -30.78 -6.24 -29.70
CA PRO A 11 -30.17 -6.84 -28.51
C PRO A 11 -31.20 -6.99 -27.39
N ALA A 12 -31.13 -8.10 -26.65
CA ALA A 12 -31.97 -8.38 -25.46
C ALA A 12 -31.78 -7.27 -24.42
N VAL A 13 -30.56 -6.71 -24.34
CA VAL A 13 -30.20 -5.60 -23.40
C VAL A 13 -30.00 -4.32 -24.19
N PRO A 14 -30.98 -3.39 -24.23
CA PRO A 14 -30.78 -2.07 -24.81
C PRO A 14 -29.61 -1.34 -24.14
N ARG A 15 -28.85 -0.56 -24.90
CA ARG A 15 -27.60 0.11 -24.43
C ARG A 15 -27.88 1.01 -23.23
N ASP A 16 -29.05 1.66 -23.18
CA ASP A 16 -29.39 2.62 -22.10
C ASP A 16 -29.67 1.87 -20.78
N ARG A 17 -29.73 0.53 -20.80
CA ARG A 17 -29.90 -0.32 -19.58
C ARG A 17 -28.57 -0.93 -19.13
N ARG A 18 -27.50 -0.82 -19.92
CA ARG A 18 -26.26 -1.64 -19.73
C ARG A 18 -25.39 -1.09 -18.60
N HIS A 19 -25.31 0.22 -18.42
CA HIS A 19 -24.38 0.85 -17.47
C HIS A 19 -24.83 0.58 -16.03
N VAL A 20 -23.91 0.14 -15.18
CA VAL A 20 -24.14 -0.07 -13.73
C VAL A 20 -23.02 0.65 -12.97
N GLU A 21 -23.40 1.56 -12.08
CA GLU A 21 -22.51 2.33 -11.17
C GLU A 21 -22.06 1.40 -10.04
N TRP A 22 -20.74 1.21 -9.86
CA TRP A 22 -20.18 0.51 -8.67
C TRP A 22 -18.77 1.02 -8.40
N PRO A 23 -18.44 1.50 -7.18
CA PRO A 23 -19.38 1.55 -6.06
C PRO A 23 -20.64 2.39 -6.30
N LEU A 24 -21.72 2.08 -5.60
CA LEU A 24 -22.98 2.86 -5.58
C LEU A 24 -22.79 4.02 -4.59
N VAL A 25 -22.59 5.24 -5.10
CA VAL A 25 -22.26 6.44 -4.29
C VAL A 25 -23.56 7.20 -3.98
N GLU A 26 -23.87 7.34 -2.69
CA GLU A 26 -25.03 8.11 -2.17
C GLU A 26 -24.50 9.34 -1.41
N ASP A 27 -25.38 10.27 -1.04
CA ASP A 27 -25.01 11.52 -0.34
C ASP A 27 -24.31 11.19 0.98
N GLU A 28 -24.70 10.11 1.66
CA GLU A 28 -24.10 9.69 2.96
C GLU A 28 -22.60 9.35 2.74
N ASP A 29 -22.26 8.81 1.56
CA ASP A 29 -20.85 8.50 1.18
C ASP A 29 -20.08 9.82 1.00
N ARG A 30 -20.68 10.77 0.28
CA ARG A 30 -20.10 12.12 0.00
C ARG A 30 -19.85 12.84 1.31
N LYS A 31 -20.82 12.82 2.23
CA LYS A 31 -20.72 13.51 3.54
C LYS A 31 -19.63 12.84 4.40
N ALA A 32 -19.57 11.51 4.40
CA ALA A 32 -18.55 10.72 5.13
C ALA A 32 -17.14 11.15 4.68
N VAL A 33 -16.95 11.28 3.37
CA VAL A 33 -15.66 11.70 2.74
C VAL A 33 -15.35 13.13 3.15
N ILE A 34 -16.31 14.04 3.00
CA ILE A 34 -16.16 15.50 3.34
C ILE A 34 -15.81 15.63 4.82
N ASP A 35 -16.54 14.92 5.70
CA ASP A 35 -16.33 14.97 7.16
C ASP A 35 -14.92 14.45 7.50
N ALA A 36 -14.42 13.47 6.72
CA ALA A 36 -13.06 12.89 6.91
C ALA A 36 -11.99 13.94 6.59
N LEU A 37 -12.15 14.71 5.51
CA LEU A 37 -11.25 15.85 5.15
C LEU A 37 -11.28 16.91 6.26
N ASP A 38 -12.48 17.32 6.69
CA ASP A 38 -12.71 18.41 7.67
C ASP A 38 -12.26 17.96 9.06
N GLY A 39 -12.40 16.66 9.36
CA GLY A 39 -12.08 16.05 10.67
C GLY A 39 -10.66 16.31 11.12
N ALA A 40 -9.71 16.42 10.18
CA ALA A 40 -8.29 16.74 10.41
C ALA A 40 -7.66 15.74 11.39
N GLU A 49 -13.64 9.10 16.78
CA GLU A 49 -12.25 9.36 17.23
C GLU A 49 -11.32 9.49 16.00
N ASN A 50 -11.27 8.44 15.16
CA ASN A 50 -10.60 8.47 13.84
C ASN A 50 -11.30 7.44 12.95
N PRO A 51 -11.56 7.75 11.66
CA PRO A 51 -12.36 6.88 10.80
C PRO A 51 -11.82 5.45 10.64
N VAL A 52 -10.50 5.26 10.74
CA VAL A 52 -9.86 3.92 10.57
C VAL A 52 -10.27 3.02 11.74
N SER A 53 -10.07 3.51 12.97
N SER A 53 -10.10 3.50 12.98
CA SER A 53 -10.43 2.86 14.25
CA SER A 53 -10.44 2.76 14.23
C SER A 53 -11.94 2.56 14.27
C SER A 53 -11.96 2.56 14.29
N THR A 54 -12.75 3.52 13.82
CA THR A 54 -14.24 3.40 13.72
C THR A 54 -14.62 2.24 12.79
N LEU A 55 -14.02 2.14 11.60
CA LEU A 55 -14.30 1.04 10.64
C LEU A 55 -13.90 -0.31 11.26
N GLU A 56 -12.73 -0.37 11.90
CA GLU A 56 -12.21 -1.60 12.57
C GLU A 56 -13.28 -2.13 13.55
N GLU A 57 -13.79 -1.25 14.43
CA GLU A 57 -14.83 -1.57 15.44
C GLU A 57 -16.11 -2.00 14.73
N GLN A 58 -16.55 -1.25 13.73
CA GLN A 58 -17.82 -1.48 12.99
C GLN A 58 -17.75 -2.84 12.29
N TRP A 59 -16.64 -3.13 11.61
CA TRP A 59 -16.45 -4.40 10.84
C TRP A 59 -16.42 -5.59 11.82
N ALA A 60 -15.61 -5.48 12.88
CA ALA A 60 -15.52 -6.50 13.96
C ALA A 60 -16.91 -6.78 14.53
N GLY A 61 -17.68 -5.73 14.81
CA GLY A 61 -19.03 -5.80 15.42
C GLY A 61 -20.02 -6.49 14.50
N ARG A 62 -20.08 -6.09 13.23
CA ARG A 62 -21.03 -6.65 12.23
C ARG A 62 -20.78 -8.16 12.07
N PHE A 63 -19.51 -8.57 11.95
CA PHE A 63 -19.14 -9.95 11.53
C PHE A 63 -18.64 -10.78 12.71
N GLY A 64 -18.69 -10.24 13.94
CA GLY A 64 -18.47 -10.98 15.20
C GLY A 64 -17.01 -11.38 15.42
N PHE A 65 -16.05 -10.62 14.87
CA PHE A 65 -14.60 -10.90 15.02
C PHE A 65 -14.07 -10.26 16.31
N GLY A 66 -13.14 -10.93 16.97
CA GLY A 66 -12.46 -10.42 18.18
C GLY A 66 -11.62 -9.20 17.87
N HIS A 67 -11.00 -9.15 16.68
CA HIS A 67 -10.03 -8.11 16.29
C HIS A 67 -10.14 -7.82 14.80
N CYS A 68 -10.07 -6.54 14.45
CA CYS A 68 -10.01 -6.06 13.05
C CYS A 68 -8.90 -5.02 12.95
N VAL A 69 -7.95 -5.24 12.04
CA VAL A 69 -6.83 -4.31 11.76
C VAL A 69 -6.96 -3.86 10.31
N ALA A 70 -7.25 -2.58 10.13
CA ALA A 70 -7.41 -1.92 8.82
C ALA A 70 -6.01 -1.68 8.23
N VAL A 71 -5.83 -2.02 6.97
CA VAL A 71 -4.52 -1.93 6.26
C VAL A 71 -4.78 -1.39 4.85
N SER A 72 -3.71 -1.16 4.09
CA SER A 72 -3.72 -0.47 2.77
C SER A 72 -4.55 -1.26 1.76
N THR A 73 -4.39 -2.59 1.74
CA THR A 73 -4.91 -3.48 0.67
C THR A 73 -5.21 -4.87 1.22
N GLY A 74 -6.03 -5.64 0.51
CA GLY A 74 -6.26 -7.08 0.78
C GLY A 74 -4.97 -7.86 0.70
N THR A 75 -4.07 -7.49 -0.23
CA THR A 75 -2.76 -8.15 -0.44
C THR A 75 -1.89 -7.98 0.81
N ALA A 76 -1.83 -6.76 1.34
CA ALA A 76 -1.09 -6.41 2.58
C ALA A 76 -1.70 -7.17 3.76
N ALA A 77 -3.03 -7.32 3.81
CA ALA A 77 -3.71 -8.09 4.88
C ALA A 77 -3.19 -9.54 4.86
N LEU A 78 -3.05 -10.14 3.67
CA LEU A 78 -2.57 -11.53 3.50
C LEU A 78 -1.11 -11.65 3.94
N SER A 79 -0.24 -10.76 3.47
CA SER A 79 1.23 -10.84 3.72
C SER A 79 1.51 -10.55 5.20
N LEU A 80 0.84 -9.57 5.80
CA LEU A 80 0.96 -9.24 7.24
C LEU A 80 0.46 -10.42 8.10
N ALA A 81 -0.59 -11.11 7.66
CA ALA A 81 -1.15 -12.30 8.34
C ALA A 81 -0.08 -13.40 8.37
N LEU A 82 0.57 -13.65 7.23
CA LEU A 82 1.68 -14.64 7.13
C LEU A 82 2.81 -14.23 8.09
N ALA A 83 3.26 -12.98 8.05
CA ALA A 83 4.32 -12.46 8.95
C ALA A 83 3.92 -12.73 10.40
N ALA A 84 2.69 -12.37 10.80
CA ALA A 84 2.19 -12.49 12.18
C ALA A 84 2.19 -13.96 12.62
N LEU A 85 1.95 -14.90 11.70
CA LEU A 85 1.86 -16.35 11.99
C LEU A 85 3.24 -17.01 11.87
N GLY A 86 4.31 -16.21 11.71
CA GLY A 86 5.71 -16.68 11.69
C GLY A 86 6.06 -17.41 10.41
N VAL A 87 5.30 -17.20 9.34
CA VAL A 87 5.58 -17.78 7.99
C VAL A 87 6.61 -16.87 7.29
N GLY A 88 7.64 -17.46 6.69
CA GLY A 88 8.75 -16.70 6.09
C GLY A 88 9.74 -17.61 5.37
N PRO A 89 11.02 -17.17 5.23
CA PRO A 89 12.05 -17.94 4.54
C PRO A 89 12.09 -19.42 4.94
N GLY A 90 12.08 -20.31 3.94
CA GLY A 90 12.17 -21.77 4.14
C GLY A 90 10.80 -22.42 4.32
N ASP A 91 9.73 -21.62 4.35
CA ASP A 91 8.34 -22.12 4.53
C ASP A 91 7.64 -22.22 3.18
N GLU A 92 6.69 -23.14 3.08
CA GLU A 92 5.77 -23.27 1.92
C GLU A 92 4.37 -22.93 2.38
N VAL A 93 3.58 -22.32 1.49
CA VAL A 93 2.16 -21.94 1.74
C VAL A 93 1.34 -22.54 0.60
N ILE A 94 0.37 -23.41 0.91
CA ILE A 94 -0.50 -24.02 -0.12
C ILE A 94 -1.63 -23.03 -0.43
N VAL A 95 -1.78 -22.71 -1.72
CA VAL A 95 -2.80 -21.77 -2.25
C VAL A 95 -3.46 -22.45 -3.45
N PRO A 96 -4.68 -22.01 -3.85
CA PRO A 96 -5.35 -22.59 -5.01
C PRO A 96 -4.70 -22.15 -6.33
N ALA A 97 -4.75 -23.02 -7.35
CA ALA A 97 -4.17 -22.78 -8.69
C ALA A 97 -5.07 -21.82 -9.48
N LEU A 98 -6.33 -21.67 -9.07
CA LEU A 98 -7.28 -20.66 -9.61
C LEU A 98 -7.60 -19.64 -8.52
N SER A 99 -7.16 -18.39 -8.70
CA SER A 99 -7.46 -17.25 -7.81
C SER A 99 -7.00 -15.97 -8.49
N PHE A 100 -7.27 -14.83 -7.85
CA PHE A 100 -6.55 -13.56 -8.12
C PHE A 100 -5.10 -13.76 -7.70
N ILE A 101 -4.16 -13.20 -8.46
CA ILE A 101 -2.70 -13.45 -8.34
C ILE A 101 -2.20 -13.09 -6.93
N ALA A 102 -2.85 -12.14 -6.25
CA ALA A 102 -2.48 -11.69 -4.88
C ALA A 102 -2.38 -12.89 -3.92
N THR A 103 -3.23 -13.91 -4.07
CA THR A 103 -3.24 -15.12 -3.19
C THR A 103 -1.90 -15.85 -3.32
N GLY A 104 -1.39 -16.00 -4.53
CA GLY A 104 -0.08 -16.62 -4.81
C GLY A 104 1.08 -15.70 -4.45
N LEU A 105 0.90 -14.38 -4.59
CA LEU A 105 1.98 -13.38 -4.36
C LEU A 105 2.23 -13.18 -2.86
N ALA A 106 1.21 -13.26 -2.00
CA ALA A 106 1.33 -12.93 -0.57
C ALA A 106 2.44 -13.75 0.08
N PRO A 107 2.54 -15.09 -0.14
CA PRO A 107 3.67 -15.87 0.37
C PRO A 107 5.04 -15.33 -0.08
N VAL A 108 5.19 -15.02 -1.38
CA VAL A 108 6.45 -14.46 -1.95
C VAL A 108 6.76 -13.15 -1.23
N HIS A 109 5.75 -12.30 -1.04
CA HIS A 109 5.89 -10.97 -0.37
C HIS A 109 6.48 -11.15 1.04
N GLN A 110 6.25 -12.30 1.68
CA GLN A 110 6.75 -12.60 3.04
C GLN A 110 7.93 -13.58 2.93
N MET A 111 8.52 -13.71 1.73
CA MET A 111 9.75 -14.50 1.45
C MET A 111 9.51 -15.99 1.68
N ALA A 112 8.27 -16.44 1.51
CA ALA A 112 7.86 -17.87 1.56
C ALA A 112 7.56 -18.35 0.13
N VAL A 113 7.48 -19.66 -0.07
CA VAL A 113 7.24 -20.29 -1.40
C VAL A 113 5.77 -20.67 -1.51
N PRO A 114 5.04 -20.16 -2.52
CA PRO A 114 3.66 -20.60 -2.76
C PRO A 114 3.68 -21.98 -3.43
N VAL A 115 2.82 -22.88 -2.96
CA VAL A 115 2.62 -24.24 -3.56
C VAL A 115 1.16 -24.31 -4.02
N PHE A 116 0.93 -24.55 -5.30
CA PHE A 116 -0.42 -24.48 -5.92
C PHE A 116 -1.08 -25.86 -5.87
N ALA A 117 -2.28 -25.92 -5.31
CA ALA A 117 -3.15 -27.12 -5.31
C ALA A 117 -4.32 -26.87 -6.26
N ASP A 118 -4.79 -27.91 -6.94
CA ASP A 118 -5.87 -27.81 -7.95
C ASP A 118 -7.19 -27.47 -7.23
N VAL A 119 -8.19 -27.05 -8.00
CA VAL A 119 -9.51 -26.64 -7.47
C VAL A 119 -10.56 -27.68 -7.84
N ASP A 120 -11.71 -27.58 -7.20
CA ASP A 120 -12.89 -28.46 -7.40
C ASP A 120 -13.60 -28.01 -8.68
N PRO A 121 -14.08 -28.95 -9.55
CA PRO A 121 -14.70 -28.58 -10.81
C PRO A 121 -16.04 -27.84 -10.71
N VAL A 122 -16.69 -27.86 -9.53
CA VAL A 122 -18.02 -27.24 -9.30
C VAL A 122 -17.86 -25.99 -8.42
N THR A 123 -17.09 -26.08 -7.34
CA THR A 123 -16.94 -24.99 -6.33
C THR A 123 -15.88 -23.97 -6.78
N PHE A 124 -14.93 -24.40 -7.63
CA PHE A 124 -13.78 -23.58 -8.12
C PHE A 124 -12.83 -23.22 -6.97
N ASN A 125 -12.96 -23.91 -5.83
CA ASN A 125 -12.17 -23.62 -4.61
C ASN A 125 -11.13 -24.72 -4.41
N LEU A 126 -10.08 -24.44 -3.64
CA LEU A 126 -8.97 -25.36 -3.27
CA LEU A 126 -8.98 -25.41 -3.44
C LEU A 126 -9.55 -26.76 -2.96
N ASP A 127 -9.19 -27.79 -3.72
CA ASP A 127 -9.69 -29.17 -3.51
C ASP A 127 -8.88 -29.79 -2.37
N PRO A 128 -9.51 -30.09 -1.21
CA PRO A 128 -8.77 -30.69 -0.09
C PRO A 128 -8.05 -32.00 -0.49
N ASP A 129 -8.60 -32.75 -1.44
CA ASP A 129 -8.00 -34.00 -1.97
C ASP A 129 -6.62 -33.70 -2.57
N ASP A 130 -6.42 -32.51 -3.16
CA ASP A 130 -5.13 -32.14 -3.82
C ASP A 130 -4.20 -31.42 -2.84
N VAL A 131 -4.71 -30.89 -1.73
CA VAL A 131 -3.90 -30.17 -0.70
C VAL A 131 -2.97 -31.19 -0.02
N GLU A 132 -3.57 -32.30 0.42
CA GLU A 132 -2.91 -33.35 1.24
C GLU A 132 -1.63 -33.84 0.53
N ARG A 133 -1.72 -34.04 -0.79
CA ARG A 133 -0.64 -34.56 -1.68
CA ARG A 133 -0.60 -34.61 -1.59
C ARG A 133 0.58 -33.64 -1.63
N ARG A 134 0.33 -32.33 -1.51
CA ARG A 134 1.35 -31.26 -1.75
C ARG A 134 1.98 -30.77 -0.44
N ILE A 135 1.52 -31.27 0.71
CA ILE A 135 2.15 -30.97 2.02
C ILE A 135 3.53 -31.63 2.03
N THR A 136 4.53 -30.89 2.51
CA THR A 136 5.94 -31.32 2.67
C THR A 136 6.38 -30.93 4.09
N GLY A 137 7.63 -31.24 4.44
CA GLY A 137 8.24 -30.81 5.71
C GLY A 137 8.33 -29.30 5.82
N ARG A 138 8.21 -28.56 4.71
CA ARG A 138 8.36 -27.08 4.67
C ARG A 138 6.99 -26.38 4.79
N THR A 139 5.87 -27.06 4.53
CA THR A 139 4.51 -26.45 4.59
C THR A 139 4.30 -25.84 5.98
N ALA A 140 3.91 -24.57 6.05
CA ALA A 140 3.63 -23.83 7.31
C ALA A 140 2.19 -23.35 7.35
N ALA A 141 1.53 -23.19 6.20
CA ALA A 141 0.19 -22.57 6.14
C ALA A 141 -0.57 -22.97 4.88
N ILE A 142 -1.89 -22.80 4.93
CA ILE A 142 -2.82 -22.92 3.78
C ILE A 142 -3.59 -21.60 3.68
N ILE A 143 -3.72 -21.06 2.47
CA ILE A 143 -4.62 -19.90 2.18
C ILE A 143 -5.77 -20.42 1.32
N PRO A 144 -6.86 -20.93 1.93
CA PRO A 144 -8.08 -21.18 1.16
C PRO A 144 -8.65 -19.84 0.69
N VAL A 145 -9.13 -19.80 -0.55
CA VAL A 145 -9.83 -18.61 -1.12
C VAL A 145 -11.32 -18.96 -1.18
N HIS A 146 -12.17 -18.05 -0.74
CA HIS A 146 -13.64 -18.12 -0.94
C HIS A 146 -13.93 -17.52 -2.32
N LEU A 147 -13.52 -18.22 -3.38
CA LEU A 147 -13.40 -17.60 -4.73
C LEU A 147 -14.79 -17.32 -5.28
N HIS A 148 -14.94 -16.16 -5.92
CA HIS A 148 -16.20 -15.66 -6.53
C HIS A 148 -17.28 -15.37 -5.47
N GLY A 149 -17.02 -15.64 -4.19
CA GLY A 149 -17.98 -15.46 -3.09
C GLY A 149 -18.45 -16.78 -2.47
N ALA A 150 -18.00 -17.92 -2.97
CA ALA A 150 -18.33 -19.27 -2.43
C ALA A 150 -17.33 -19.63 -1.34
N PRO A 151 -17.75 -19.74 -0.05
CA PRO A 151 -16.87 -20.28 0.97
C PRO A 151 -16.29 -21.63 0.54
N ALA A 152 -14.98 -21.79 0.76
CA ALA A 152 -14.21 -23.03 0.53
C ALA A 152 -14.67 -24.10 1.52
N ASP A 153 -14.21 -25.34 1.32
CA ASP A 153 -14.51 -26.50 2.20
C ASP A 153 -13.70 -26.33 3.50
N MET A 154 -14.18 -25.48 4.40
CA MET A 154 -13.43 -25.09 5.63
C MET A 154 -13.38 -26.27 6.61
N ASP A 155 -14.39 -27.15 6.62
CA ASP A 155 -14.33 -28.43 7.39
C ASP A 155 -13.00 -29.14 7.09
N ARG A 156 -12.76 -29.45 5.82
CA ARG A 156 -11.62 -30.30 5.40
C ARG A 156 -10.31 -29.48 5.41
N ILE A 157 -10.34 -28.19 5.06
CA ILE A 157 -9.13 -27.33 5.07
C ILE A 157 -8.66 -27.12 6.51
N THR A 158 -9.56 -26.81 7.46
CA THR A 158 -9.17 -26.64 8.88
C THR A 158 -8.73 -27.99 9.46
N ALA A 159 -9.38 -29.10 9.08
CA ALA A 159 -9.02 -30.46 9.56
C ALA A 159 -7.60 -30.80 9.10
N ILE A 160 -7.32 -30.61 7.81
CA ILE A 160 -5.97 -30.85 7.21
C ILE A 160 -4.94 -30.03 7.99
N ALA A 161 -5.20 -28.74 8.19
CA ALA A 161 -4.28 -27.80 8.87
C ALA A 161 -3.98 -28.29 10.29
N ARG A 162 -5.03 -28.60 11.05
N ARG A 162 -5.02 -28.59 11.06
CA ARG A 162 -4.93 -29.03 12.48
CA ARG A 162 -4.93 -29.04 12.47
C ARG A 162 -4.23 -30.40 12.56
C ARG A 162 -4.20 -30.39 12.54
N ARG A 163 -4.49 -31.29 11.58
CA ARG A 163 -3.87 -32.65 11.52
C ARG A 163 -2.36 -32.53 11.24
N HIS A 164 -1.93 -31.48 10.53
CA HIS A 164 -0.53 -31.30 10.05
C HIS A 164 0.19 -30.18 10.81
N GLY A 165 -0.48 -29.51 11.75
CA GLY A 165 0.08 -28.39 12.53
C GLY A 165 0.34 -27.16 11.67
N LEU A 166 -0.55 -26.87 10.71
CA LEU A 166 -0.41 -25.70 9.78
C LEU A 166 -1.33 -24.57 10.24
N ALA A 167 -0.96 -23.33 9.90
CA ALA A 167 -1.80 -22.13 10.03
C ALA A 167 -2.79 -22.08 8.86
N VAL A 168 -3.96 -21.48 9.07
CA VAL A 168 -4.96 -21.20 8.00
C VAL A 168 -5.20 -19.69 7.97
N ILE A 169 -4.99 -19.07 6.81
CA ILE A 169 -5.38 -17.67 6.53
C ILE A 169 -6.45 -17.72 5.42
N GLU A 170 -7.66 -17.26 5.74
CA GLU A 170 -8.76 -17.16 4.75
C GLU A 170 -8.54 -15.93 3.87
N ASP A 171 -8.46 -16.13 2.56
CA ASP A 171 -8.61 -15.04 1.57
C ASP A 171 -10.11 -14.88 1.31
N ALA A 172 -10.77 -14.01 2.07
CA ALA A 172 -12.23 -13.77 2.04
C ALA A 172 -12.56 -12.52 1.21
N ALA A 173 -11.61 -12.05 0.38
CA ALA A 173 -11.71 -10.78 -0.36
C ALA A 173 -13.00 -10.76 -1.21
N GLN A 174 -13.41 -11.91 -1.76
CA GLN A 174 -14.54 -12.02 -2.70
C GLN A 174 -15.81 -12.49 -1.98
N ALA A 175 -15.81 -12.65 -0.65
CA ALA A 175 -16.93 -13.32 0.07
C ALA A 175 -17.35 -12.59 1.35
N PRO A 176 -17.36 -11.23 1.43
CA PRO A 176 -17.81 -10.58 2.65
C PRO A 176 -19.30 -10.91 2.91
N GLY A 177 -19.63 -11.27 4.14
CA GLY A 177 -21.01 -11.60 4.57
C GLY A 177 -21.39 -13.06 4.33
N ALA A 178 -20.55 -13.84 3.64
CA ALA A 178 -20.79 -15.27 3.39
C ALA A 178 -20.58 -16.03 4.71
N THR A 179 -21.26 -17.16 4.90
CA THR A 179 -21.12 -17.98 6.12
C THR A 179 -20.77 -19.41 5.74
N HIS A 180 -20.09 -20.09 6.65
CA HIS A 180 -19.80 -21.55 6.62
C HIS A 180 -20.25 -22.13 7.96
N ARG A 181 -21.27 -23.00 7.95
CA ARG A 181 -21.94 -23.52 9.18
C ARG A 181 -22.34 -22.32 10.07
N GLY A 182 -22.90 -21.27 9.45
CA GLY A 182 -23.42 -20.08 10.15
C GLY A 182 -22.34 -19.19 10.74
N ARG A 183 -21.07 -19.43 10.40
CA ARG A 183 -19.92 -18.64 10.89
C ARG A 183 -19.48 -17.68 9.79
N PRO A 184 -19.40 -16.36 10.08
CA PRO A 184 -18.86 -15.39 9.13
C PRO A 184 -17.48 -15.83 8.61
N VAL A 185 -17.30 -15.88 7.29
CA VAL A 185 -15.97 -16.18 6.67
C VAL A 185 -14.99 -15.11 7.15
N GLY A 186 -13.71 -15.47 7.25
CA GLY A 186 -12.64 -14.63 7.82
C GLY A 186 -12.34 -15.00 9.26
N GLY A 187 -13.33 -15.51 10.00
CA GLY A 187 -13.24 -15.76 11.45
C GLY A 187 -12.95 -17.22 11.79
N ILE A 188 -12.84 -18.09 10.77
CA ILE A 188 -12.70 -19.56 10.94
C ILE A 188 -11.22 -19.94 10.99
N GLY A 189 -10.41 -19.42 10.06
CA GLY A 189 -8.95 -19.57 10.07
C GLY A 189 -8.34 -18.84 11.24
N ASP A 190 -7.01 -18.93 11.39
CA ASP A 190 -6.22 -18.18 12.39
C ASP A 190 -6.41 -16.68 12.12
N ALA A 191 -6.55 -16.31 10.85
CA ALA A 191 -6.76 -14.92 10.40
C ALA A 191 -7.54 -14.93 9.08
N GLY A 192 -8.20 -13.82 8.77
CA GLY A 192 -8.96 -13.63 7.52
C GLY A 192 -8.63 -12.29 6.90
N ALA A 193 -8.42 -12.27 5.58
CA ALA A 193 -8.13 -11.06 4.79
C ALA A 193 -9.36 -10.68 3.97
N PHE A 194 -9.70 -9.39 3.96
CA PHE A 194 -10.72 -8.77 3.11
C PHE A 194 -10.08 -7.67 2.27
N SER A 195 -10.57 -7.47 1.05
CA SER A 195 -10.24 -6.33 0.17
C SER A 195 -11.43 -5.37 0.11
N LEU A 196 -11.17 -4.08 0.27
CA LEU A 196 -12.18 -2.99 0.10
C LEU A 196 -11.94 -2.29 -1.24
N GLN A 197 -11.21 -2.91 -2.17
CA GLN A 197 -10.95 -2.34 -3.51
C GLN A 197 -12.30 -2.01 -4.16
N ALA A 198 -12.33 -0.95 -4.99
CA ALA A 198 -13.55 -0.34 -5.58
C ALA A 198 -14.47 -1.38 -6.24
N THR A 199 -13.95 -2.50 -6.72
CA THR A 199 -14.74 -3.54 -7.44
C THR A 199 -15.40 -4.54 -6.48
N LYS A 200 -15.05 -4.53 -5.19
CA LYS A 200 -15.43 -5.60 -4.22
C LYS A 200 -16.84 -5.36 -3.68
N ASN A 201 -17.43 -6.37 -3.01
CA ASN A 201 -18.85 -6.41 -2.59
C ASN A 201 -19.14 -5.31 -1.56
N ILE A 202 -18.18 -5.01 -0.66
CA ILE A 202 -18.26 -3.84 0.26
C ILE A 202 -17.08 -2.93 -0.06
N PRO A 203 -17.21 -2.06 -1.07
CA PRO A 203 -16.06 -1.33 -1.61
C PRO A 203 -15.74 -0.06 -0.82
N THR A 204 -14.51 0.43 -0.97
CA THR A 204 -14.11 1.82 -0.66
C THR A 204 -13.93 2.58 -1.98
N CYS A 205 -13.79 3.91 -1.88
CA CYS A 205 -13.52 4.80 -3.02
C CYS A 205 -12.02 4.73 -3.35
N GLY A 206 -11.56 3.56 -3.83
CA GLY A 206 -10.15 3.27 -4.15
C GLY A 206 -9.69 1.96 -3.56
N GLU A 207 -8.67 1.99 -2.70
CA GLU A 207 -7.97 0.81 -2.14
C GLU A 207 -8.21 0.72 -0.64
N GLY A 208 -8.26 -0.50 -0.11
CA GLY A 208 -8.41 -0.77 1.33
C GLY A 208 -8.30 -2.25 1.64
N GLY A 209 -7.87 -2.59 2.85
CA GLY A 209 -7.78 -3.98 3.32
C GLY A 209 -8.16 -4.09 4.78
N LEU A 210 -8.64 -5.26 5.18
CA LEU A 210 -8.96 -5.57 6.60
C LEU A 210 -8.38 -6.95 6.92
N LEU A 211 -7.69 -7.03 8.05
CA LEU A 211 -7.21 -8.30 8.66
C LEU A 211 -8.07 -8.53 9.90
N VAL A 212 -8.70 -9.70 10.00
CA VAL A 212 -9.52 -10.08 11.18
C VAL A 212 -8.91 -11.36 11.76
N THR A 213 -9.08 -11.54 13.07
CA THR A 213 -8.53 -12.68 13.85
C THR A 213 -9.19 -12.68 15.23
N GLY A 214 -9.20 -13.84 15.88
CA GLY A 214 -9.59 -14.00 17.29
C GLY A 214 -8.39 -13.86 18.21
N ASN A 215 -7.18 -13.82 17.65
CA ASN A 215 -5.90 -13.84 18.42
C ASN A 215 -5.37 -12.41 18.59
N ALA A 216 -5.33 -11.93 19.84
CA ALA A 216 -4.90 -10.56 20.22
C ALA A 216 -3.46 -10.30 19.75
N GLU A 217 -2.57 -11.27 19.98
CA GLU A 217 -1.12 -11.20 19.66
C GLU A 217 -0.94 -11.05 18.14
N LEU A 218 -1.70 -11.82 17.35
CA LEU A 218 -1.70 -11.78 15.86
C LEU A 218 -2.12 -10.38 15.41
N ALA A 219 -3.23 -9.86 15.94
CA ALA A 219 -3.76 -8.51 15.63
C ALA A 219 -2.67 -7.46 15.90
N GLU A 220 -2.01 -7.55 17.05
CA GLU A 220 -0.97 -6.58 17.49
C GLU A 220 0.21 -6.60 16.51
N SER A 221 0.61 -7.79 16.05
CA SER A 221 1.70 -7.99 15.05
C SER A 221 1.35 -7.24 13.76
N VAL A 222 0.12 -7.43 13.27
CA VAL A 222 -0.37 -6.79 12.01
C VAL A 222 -0.44 -5.27 12.20
N ARG A 223 -0.91 -4.84 13.38
N ARG A 223 -0.87 -4.82 13.38
CA ARG A 223 -1.05 -3.41 13.79
CA ARG A 223 -1.05 -3.39 13.72
C ARG A 223 0.31 -2.72 13.68
C ARG A 223 0.31 -2.69 13.73
N ARG A 224 1.37 -3.37 14.19
CA ARG A 224 2.77 -2.85 14.15
C ARG A 224 3.31 -2.95 12.71
N GLY A 225 3.06 -4.08 12.04
CA GLY A 225 3.57 -4.37 10.69
C GLY A 225 3.11 -3.36 9.66
N ARG A 226 1.90 -2.81 9.82
CA ARG A 226 1.28 -1.88 8.84
C ARG A 226 1.87 -0.48 8.96
N GLN A 227 2.65 -0.19 10.00
CA GLN A 227 3.11 1.19 10.32
C GLN A 227 4.57 1.16 10.78
N PHE A 228 5.44 0.54 9.98
CA PHE A 228 6.93 0.59 10.12
C PHE A 228 7.39 -0.09 11.41
N GLY A 229 6.53 -0.92 12.02
CA GLY A 229 6.82 -1.66 13.26
C GLY A 229 6.56 -0.84 14.51
N GLU A 230 5.93 0.34 14.39
CA GLU A 230 5.73 1.30 15.51
C GLU A 230 4.45 0.96 16.29
N VAL A 231 4.40 1.39 17.55
CA VAL A 231 3.17 1.43 18.40
C VAL A 231 2.68 2.89 18.41
N ILE A 232 1.47 3.13 17.89
CA ILE A 232 0.83 4.47 17.77
C ILE A 232 -0.47 4.50 18.60
N GLU A 233 -0.69 5.58 19.37
CA GLU A 233 -1.94 5.86 20.11
C GLU A 233 -2.43 7.27 19.76
N ARG A 236 0.41 10.08 24.04
CA ARG A 236 1.87 9.95 23.81
C ARG A 236 2.24 10.50 22.43
N GLU A 237 3.31 11.30 22.36
CA GLU A 237 3.86 11.87 21.09
C GLU A 237 4.51 10.73 20.30
N ARG A 238 4.62 10.87 18.97
CA ARG A 238 5.27 9.87 18.09
C ARG A 238 6.78 9.87 18.38
N ASP A 239 7.31 8.73 18.86
CA ASP A 239 8.72 8.57 19.28
C ASP A 239 9.53 7.88 18.17
N TYR A 240 8.86 7.34 17.14
CA TYR A 240 9.47 6.72 15.93
C TYR A 240 10.26 5.45 16.29
N VAL A 241 9.93 4.81 17.43
CA VAL A 241 10.56 3.54 17.88
C VAL A 241 9.87 2.37 17.18
N SER A 242 10.62 1.59 16.40
CA SER A 242 10.14 0.42 15.62
C SER A 242 10.57 -0.87 16.33
N TYR A 243 9.66 -1.83 16.47
CA TYR A 243 9.84 -3.05 17.31
C TYR A 243 10.09 -4.29 16.44
N GLY A 244 10.19 -4.13 15.11
CA GLY A 244 10.41 -5.23 14.15
C GLY A 244 10.20 -4.78 12.72
N LEU A 245 10.28 -5.71 11.75
CA LEU A 245 10.14 -5.40 10.31
C LEU A 245 8.70 -4.95 10.03
N GLY A 246 8.55 -3.73 9.50
CA GLY A 246 7.27 -3.13 9.13
C GLY A 246 7.30 -2.51 7.75
N TRP A 247 6.13 -2.14 7.25
CA TRP A 247 5.91 -1.49 5.93
C TRP A 247 5.05 -0.24 6.14
N ASN A 248 4.79 0.51 5.08
CA ASN A 248 3.65 1.46 5.03
C ASN A 248 2.46 0.72 4.41
N HIS A 249 1.68 0.05 5.26
CA HIS A 249 0.42 -0.63 4.88
C HIS A 249 -0.75 0.04 5.59
N LYS A 250 -0.68 1.36 5.83
CA LYS A 250 -1.75 2.13 6.52
C LYS A 250 -2.93 2.33 5.56
N MET A 251 -4.15 2.17 6.06
CA MET A 251 -5.39 2.57 5.33
C MET A 251 -5.53 4.09 5.41
N ASN A 252 -6.11 4.68 4.37
CA ASN A 252 -6.51 6.12 4.32
C ASN A 252 -7.81 6.31 5.11
N ALA A 253 -7.87 7.33 5.98
CA ALA A 253 -9.04 7.68 6.82
C ALA A 253 -10.26 7.95 5.93
N LEU A 254 -10.06 8.63 4.79
CA LEU A 254 -11.18 8.98 3.86
CA LEU A 254 -11.15 8.98 3.84
C LEU A 254 -11.82 7.69 3.34
N GLN A 255 -11.01 6.74 2.90
CA GLN A 255 -11.49 5.42 2.37
C GLN A 255 -12.19 4.66 3.50
N ALA A 256 -11.68 4.74 4.73
CA ALA A 256 -12.27 4.08 5.92
C ALA A 256 -13.68 4.63 6.17
N ALA A 257 -13.82 5.96 6.16
CA ALA A 257 -15.11 6.68 6.37
C ALA A 257 -16.11 6.27 5.29
N PHE A 258 -15.67 6.19 4.03
CA PHE A 258 -16.52 5.78 2.88
C PHE A 258 -17.03 4.36 3.13
N THR A 259 -16.16 3.46 3.55
CA THR A 259 -16.51 2.02 3.75
C THR A 259 -17.49 1.89 4.92
N SER A 260 -17.30 2.67 5.99
CA SER A 260 -18.24 2.74 7.14
C SER A 260 -19.66 3.03 6.63
N ALA A 261 -19.81 4.01 5.72
CA ALA A 261 -21.10 4.39 5.10
C ALA A 261 -21.66 3.22 4.29
N GLN A 262 -20.82 2.58 3.47
CA GLN A 262 -21.21 1.40 2.64
C GLN A 262 -21.65 0.24 3.55
N LEU A 263 -20.93 0.00 4.65
CA LEU A 263 -21.17 -1.12 5.58
C LEU A 263 -22.56 -0.96 6.23
N THR A 264 -22.95 0.28 6.51
CA THR A 264 -24.26 0.66 7.11
C THR A 264 -25.40 0.19 6.19
N ARG A 265 -25.20 0.17 4.87
CA ARG A 265 -26.23 -0.21 3.87
C ARG A 265 -26.00 -1.64 3.36
N PHE A 266 -24.95 -2.33 3.82
CA PHE A 266 -24.46 -3.60 3.22
C PHE A 266 -25.59 -4.64 3.11
N ASP A 267 -26.31 -4.89 4.20
CA ASP A 267 -27.29 -6.01 4.27
C ASP A 267 -28.56 -5.66 3.48
N ASP A 268 -28.87 -4.38 3.34
CA ASP A 268 -29.95 -3.89 2.42
C ASP A 268 -29.55 -4.25 0.99
N TYR A 269 -28.30 -3.97 0.59
CA TYR A 269 -27.77 -4.33 -0.75
C TYR A 269 -27.70 -5.86 -0.89
N GLU A 270 -27.24 -6.56 0.15
CA GLU A 270 -27.19 -8.05 0.18
C GLU A 270 -28.55 -8.64 -0.17
N SER A 271 -29.61 -8.16 0.49
N SER A 271 -29.60 -8.18 0.52
CA SER A 271 -31.00 -8.65 0.34
CA SER A 271 -31.01 -8.62 0.34
C SER A 271 -31.44 -8.54 -1.13
C SER A 271 -31.39 -8.56 -1.13
N ALA A 272 -31.25 -7.39 -1.75
CA ALA A 272 -31.62 -7.15 -3.18
C ALA A 272 -30.75 -8.02 -4.09
N ARG A 273 -29.44 -8.01 -3.85
CA ARG A 273 -28.42 -8.73 -4.65
C ARG A 273 -28.75 -10.23 -4.66
N GLN A 274 -29.01 -10.80 -3.47
CA GLN A 274 -29.26 -12.25 -3.30
C GLN A 274 -30.56 -12.65 -4.03
N ARG A 275 -31.61 -11.82 -3.91
CA ARG A 275 -32.90 -12.05 -4.63
C ARG A 275 -32.65 -12.01 -6.14
N ASN A 276 -31.94 -10.98 -6.61
CA ASN A 276 -31.72 -10.72 -8.06
C ASN A 276 -30.94 -11.89 -8.68
N VAL A 277 -29.83 -12.30 -8.05
CA VAL A 277 -28.94 -13.37 -8.58
C VAL A 277 -29.70 -14.71 -8.57
N ALA A 278 -30.41 -15.03 -7.48
CA ALA A 278 -31.18 -16.29 -7.35
C ALA A 278 -32.18 -16.40 -8.52
N ALA A 279 -32.93 -15.34 -8.82
CA ALA A 279 -33.94 -15.30 -9.90
C ALA A 279 -33.23 -15.48 -11.26
N PHE A 280 -32.07 -14.84 -11.42
CA PHE A 280 -31.24 -14.90 -12.66
C PHE A 280 -30.76 -16.34 -12.87
N LEU A 281 -30.15 -16.96 -11.86
CA LEU A 281 -29.58 -18.32 -11.94
C LEU A 281 -30.68 -19.37 -12.13
N ALA A 282 -31.85 -19.18 -11.52
CA ALA A 282 -33.02 -20.10 -11.66
C ALA A 282 -33.42 -20.19 -13.14
N ARG A 283 -33.42 -19.06 -13.86
CA ARG A 283 -33.75 -19.02 -15.31
C ARG A 283 -32.65 -19.74 -16.11
N LEU A 284 -31.37 -19.45 -15.84
CA LEU A 284 -30.23 -20.05 -16.59
C LEU A 284 -30.10 -21.55 -16.27
N ALA A 285 -30.46 -21.98 -15.06
CA ALA A 285 -30.35 -23.38 -14.60
C ALA A 285 -31.21 -24.31 -15.48
N GLU A 286 -32.22 -23.76 -16.16
CA GLU A 286 -33.14 -24.54 -17.03
C GLU A 286 -32.48 -24.84 -18.40
N LEU A 287 -31.36 -24.18 -18.73
CA LEU A 287 -30.75 -24.26 -20.09
C LEU A 287 -29.77 -25.43 -20.14
N PRO A 288 -29.99 -26.42 -21.04
CA PRO A 288 -29.13 -27.61 -21.10
C PRO A 288 -27.67 -27.28 -21.41
N GLY A 289 -26.74 -27.88 -20.66
CA GLY A 289 -25.28 -27.70 -20.84
C GLY A 289 -24.78 -26.42 -20.20
N LEU A 290 -25.61 -25.75 -19.39
CA LEU A 290 -25.23 -24.53 -18.63
C LEU A 290 -25.27 -24.88 -17.14
N ARG A 291 -24.11 -24.87 -16.48
CA ARG A 291 -23.97 -25.10 -15.02
C ARG A 291 -23.89 -23.74 -14.32
N VAL A 292 -24.94 -23.35 -13.61
CA VAL A 292 -24.96 -22.12 -12.79
C VAL A 292 -24.05 -22.38 -11.59
N PRO A 293 -23.36 -21.35 -11.06
CA PRO A 293 -22.57 -21.51 -9.84
C PRO A 293 -23.49 -21.74 -8.64
N THR A 294 -22.96 -22.41 -7.62
CA THR A 294 -23.71 -22.85 -6.42
C THR A 294 -22.88 -22.63 -5.16
N ALA A 295 -23.56 -22.40 -4.05
CA ALA A 295 -23.03 -22.52 -2.67
C ALA A 295 -22.88 -24.01 -2.36
N ALA A 296 -21.73 -24.42 -1.83
CA ALA A 296 -21.49 -25.78 -1.29
C ALA A 296 -22.39 -25.98 -0.07
N PRO A 297 -22.64 -27.23 0.37
CA PRO A 297 -23.45 -27.48 1.55
C PRO A 297 -22.99 -26.69 2.77
N ASP A 298 -23.94 -26.21 3.57
CA ASP A 298 -23.72 -25.50 4.86
C ASP A 298 -23.00 -24.17 4.62
N THR A 299 -23.14 -23.58 3.43
CA THR A 299 -22.55 -22.25 3.11
C THR A 299 -23.61 -21.36 2.45
N THR A 300 -23.35 -20.05 2.46
CA THR A 300 -24.03 -19.06 1.58
C THR A 300 -22.98 -18.47 0.63
N HIS A 301 -23.42 -18.00 -0.53
CA HIS A 301 -22.58 -17.41 -1.61
C HIS A 301 -22.75 -15.89 -1.58
N ALA A 302 -21.64 -15.13 -1.66
CA ALA A 302 -21.63 -13.66 -1.72
C ALA A 302 -21.89 -13.17 -3.15
N TRP A 303 -21.74 -14.05 -4.15
CA TRP A 303 -21.99 -13.75 -5.58
C TRP A 303 -21.14 -12.56 -6.04
N HIS A 304 -19.88 -12.46 -5.62
CA HIS A 304 -18.98 -11.40 -6.12
C HIS A 304 -18.83 -11.53 -7.63
N ILE A 305 -18.57 -12.76 -8.11
CA ILE A 305 -18.45 -13.10 -9.56
C ILE A 305 -19.33 -14.33 -9.83
N LEU A 306 -20.07 -14.33 -10.94
CA LEU A 306 -20.86 -15.49 -11.41
C LEU A 306 -20.06 -16.20 -12.51
N ARG A 307 -19.56 -17.41 -12.23
CA ARG A 307 -18.84 -18.23 -13.24
C ARG A 307 -19.77 -19.36 -13.68
N PHE A 308 -20.00 -19.45 -15.00
CA PHE A 308 -20.82 -20.49 -15.67
C PHE A 308 -19.90 -21.42 -16.47
N ARG A 309 -20.13 -22.72 -16.37
CA ARG A 309 -19.45 -23.75 -17.21
C ARG A 309 -20.43 -24.21 -18.28
N PHE A 310 -19.94 -24.38 -19.52
CA PHE A 310 -20.76 -24.73 -20.71
C PHE A 310 -20.27 -26.07 -21.26
N ASP A 311 -21.21 -27.00 -21.46
CA ASP A 311 -20.95 -28.39 -21.93
C ASP A 311 -21.09 -28.44 -23.45
N PRO A 312 -19.99 -28.65 -24.21
CA PRO A 312 -20.08 -28.81 -25.66
C PRO A 312 -21.06 -29.91 -26.12
N ALA A 313 -21.25 -30.95 -25.30
CA ALA A 313 -22.14 -32.10 -25.60
C ALA A 313 -23.57 -31.61 -25.82
N ALA A 314 -23.98 -30.56 -25.11
CA ALA A 314 -25.33 -29.94 -25.18
C ALA A 314 -25.57 -29.33 -26.57
N PHE A 315 -24.52 -28.97 -27.30
CA PHE A 315 -24.59 -28.30 -28.64
C PHE A 315 -24.10 -29.25 -29.74
N GLY A 316 -23.93 -30.53 -29.43
CA GLY A 316 -23.42 -31.56 -30.37
C GLY A 316 -21.99 -31.28 -30.81
N LEU A 317 -21.17 -30.70 -29.93
CA LEU A 317 -19.75 -30.33 -30.20
C LEU A 317 -18.81 -31.24 -29.39
N ASP A 318 -19.24 -32.47 -29.10
CA ASP A 318 -18.56 -33.41 -28.17
C ASP A 318 -17.06 -33.50 -28.52
N GLY A 319 -16.72 -33.50 -29.81
CA GLY A 319 -15.33 -33.64 -30.28
C GLY A 319 -14.48 -32.39 -30.08
N VAL A 320 -15.11 -31.20 -30.02
CA VAL A 320 -14.45 -29.89 -30.25
C VAL A 320 -13.94 -29.30 -28.93
N ARG A 321 -12.78 -28.63 -28.98
CA ARG A 321 -12.18 -27.83 -27.88
C ARG A 321 -13.27 -27.00 -27.20
N PRO A 322 -13.46 -27.11 -25.86
CA PRO A 322 -14.45 -26.30 -25.16
C PRO A 322 -14.29 -24.79 -25.38
N GLN A 323 -13.05 -24.34 -25.58
CA GLN A 323 -12.69 -22.91 -25.83
C GLN A 323 -13.44 -22.39 -27.07
N ALA A 324 -13.72 -23.26 -28.05
CA ALA A 324 -14.48 -22.90 -29.27
C ALA A 324 -15.91 -22.52 -28.90
N LEU A 325 -16.58 -23.33 -28.08
CA LEU A 325 -17.96 -23.03 -27.57
C LEU A 325 -17.90 -21.76 -26.71
N ARG A 326 -16.92 -21.67 -25.81
CA ARG A 326 -16.74 -20.51 -24.89
C ARG A 326 -16.68 -19.22 -25.72
N SER A 327 -15.89 -19.21 -26.79
N SER A 327 -15.88 -19.21 -26.78
CA SER A 327 -15.71 -18.03 -27.68
CA SER A 327 -15.69 -18.06 -27.71
C SER A 327 -17.00 -17.72 -28.44
C SER A 327 -17.02 -17.73 -28.41
N ALA A 328 -17.70 -18.75 -28.94
CA ALA A 328 -18.98 -18.61 -29.67
C ALA A 328 -20.05 -17.99 -28.74
N LEU A 329 -20.18 -18.51 -27.52
CA LEU A 329 -21.19 -18.02 -26.54
C LEU A 329 -20.84 -16.59 -26.13
N ARG A 330 -19.56 -16.30 -25.87
CA ARG A 330 -19.11 -14.95 -25.49
C ARG A 330 -19.51 -13.94 -26.59
N ARG A 331 -19.24 -14.28 -27.85
CA ARG A 331 -19.55 -13.40 -29.00
C ARG A 331 -21.06 -13.14 -29.07
N LEU A 332 -21.87 -14.20 -29.02
CA LEU A 332 -23.34 -14.10 -29.22
C LEU A 332 -23.96 -13.33 -28.04
N LEU A 333 -23.52 -13.59 -26.81
CA LEU A 333 -24.09 -12.95 -25.60
C LEU A 333 -23.68 -11.47 -25.53
N ARG A 334 -22.43 -11.15 -25.91
CA ARG A 334 -21.96 -9.74 -25.90
CA ARG A 334 -21.90 -9.75 -25.98
C ARG A 334 -22.73 -8.94 -26.96
N ALA A 335 -23.09 -9.55 -28.09
CA ALA A 335 -23.91 -8.92 -29.17
C ALA A 335 -25.31 -8.59 -28.62
N GLU A 336 -25.81 -9.41 -27.69
CA GLU A 336 -27.13 -9.19 -27.02
C GLU A 336 -27.01 -8.10 -25.96
N GLY A 337 -25.79 -7.71 -25.57
CA GLY A 337 -25.53 -6.66 -24.57
C GLY A 337 -25.19 -7.21 -23.20
N VAL A 338 -24.89 -8.51 -23.09
CA VAL A 338 -24.47 -9.17 -21.81
C VAL A 338 -22.94 -9.11 -21.75
N PRO A 339 -22.35 -8.40 -20.76
CA PRO A 339 -20.89 -8.24 -20.71
C PRO A 339 -20.17 -9.47 -20.16
N MET A 340 -20.33 -10.63 -20.81
CA MET A 340 -19.69 -11.90 -20.41
C MET A 340 -18.18 -11.75 -20.58
N SER A 341 -17.41 -12.17 -19.58
CA SER A 341 -15.94 -12.02 -19.54
C SER A 341 -15.31 -13.36 -19.14
N GLN A 342 -13.99 -13.44 -19.24
CA GLN A 342 -13.18 -14.45 -18.51
C GLN A 342 -12.71 -13.79 -17.22
N TYR A 343 -12.42 -14.58 -16.20
CA TYR A 343 -11.74 -14.12 -14.97
C TYR A 343 -10.59 -15.09 -14.71
N GLN A 344 -9.37 -14.66 -15.07
CA GLN A 344 -8.13 -15.47 -15.14
C GLN A 344 -8.13 -16.24 -16.45
N LEU A 345 -7.09 -16.04 -17.28
CA LEU A 345 -6.90 -16.72 -18.59
C LEU A 345 -6.08 -17.99 -18.39
N MET A 346 -5.40 -18.12 -17.25
CA MET A 346 -4.47 -19.23 -16.96
C MET A 346 -4.49 -19.51 -15.46
N PRO A 347 -4.18 -20.74 -15.03
CA PRO A 347 -3.91 -21.01 -13.60
C PRO A 347 -2.73 -20.16 -13.14
N LEU A 348 -2.73 -19.73 -11.88
CA LEU A 348 -1.66 -18.88 -11.27
C LEU A 348 -0.27 -19.48 -11.53
N PRO A 349 -0.03 -20.80 -11.35
CA PRO A 349 1.31 -21.35 -11.58
C PRO A 349 1.89 -21.13 -12.98
N ASP A 350 1.07 -20.83 -13.98
CA ASP A 350 1.52 -20.48 -15.37
C ASP A 350 1.99 -19.02 -15.44
N GLN A 351 1.70 -18.19 -14.44
CA GLN A 351 2.12 -16.76 -14.40
C GLN A 351 3.65 -16.69 -14.36
N LYS A 352 4.23 -15.76 -15.12
CA LYS A 352 5.69 -15.61 -15.32
C LYS A 352 6.41 -15.63 -13.96
N VAL A 353 5.89 -14.91 -12.96
CA VAL A 353 6.53 -14.78 -11.62
C VAL A 353 6.74 -16.17 -11.00
N PHE A 354 5.78 -17.09 -11.16
CA PHE A 354 5.82 -18.43 -10.53
C PHE A 354 6.61 -19.42 -11.41
N VAL A 355 6.59 -19.23 -12.72
CA VAL A 355 7.34 -20.09 -13.69
C VAL A 355 8.84 -19.79 -13.57
N ASP A 356 9.23 -18.51 -13.64
CA ASP A 356 10.64 -18.07 -13.71
C ASP A 356 11.32 -18.27 -12.36
N ARG A 357 10.58 -18.10 -11.25
CA ARG A 357 11.09 -18.29 -9.87
C ARG A 357 12.35 -17.44 -9.68
N VAL A 358 12.33 -16.19 -10.17
CA VAL A 358 13.39 -15.16 -9.90
C VAL A 358 13.04 -14.42 -8.61
N GLY A 359 11.75 -14.06 -8.44
CA GLY A 359 11.24 -13.37 -7.24
C GLY A 359 11.91 -12.00 -7.07
N PHE A 360 12.47 -11.74 -5.89
CA PHE A 360 13.17 -10.48 -5.56
C PHE A 360 14.46 -10.34 -6.37
N GLY A 361 14.96 -11.46 -6.91
CA GLY A 361 16.28 -11.58 -7.56
C GLY A 361 17.02 -12.78 -7.01
N GLY A 362 17.87 -13.40 -7.83
CA GLY A 362 18.69 -14.56 -7.44
C GLY A 362 17.84 -15.75 -6.99
N GLY A 363 16.57 -15.80 -7.42
CA GLY A 363 15.65 -16.93 -7.20
C GLY A 363 15.02 -16.95 -5.81
N TYR A 364 15.23 -15.93 -4.98
CA TYR A 364 14.60 -15.81 -3.64
C TYR A 364 13.14 -15.43 -3.83
N PRO A 365 12.16 -16.07 -3.15
CA PRO A 365 12.40 -16.96 -2.01
C PRO A 365 12.74 -18.45 -2.25
N TRP A 366 12.65 -18.93 -3.48
CA TRP A 366 12.86 -20.37 -3.83
C TRP A 366 14.28 -20.81 -3.45
N THR A 367 15.26 -19.91 -3.58
CA THR A 367 16.72 -20.16 -3.39
C THR A 367 17.03 -20.59 -1.95
N VAL A 368 16.21 -20.17 -0.97
CA VAL A 368 16.45 -20.49 0.47
C VAL A 368 16.53 -22.01 0.64
N THR A 369 15.61 -22.71 -0.03
CA THR A 369 15.38 -24.18 0.07
C THR A 369 15.96 -24.91 -1.15
N GLY A 370 16.09 -24.22 -2.29
CA GLY A 370 16.30 -24.86 -3.62
C GLY A 370 15.01 -25.50 -4.11
N ALA A 371 13.86 -25.05 -3.59
CA ALA A 371 12.52 -25.49 -4.01
C ALA A 371 12.32 -25.14 -5.48
N THR A 372 11.73 -26.05 -6.25
CA THR A 372 11.31 -25.85 -7.65
C THR A 372 9.78 -25.92 -7.71
N GLY A 373 9.19 -25.55 -8.84
CA GLY A 373 7.74 -25.62 -9.09
C GLY A 373 7.45 -26.33 -10.41
N PRO A 374 6.17 -26.43 -10.83
CA PRO A 374 5.84 -26.96 -12.15
C PRO A 374 6.20 -25.95 -13.25
N ALA A 375 6.53 -26.44 -14.45
CA ALA A 375 6.65 -25.63 -15.67
C ALA A 375 5.25 -25.20 -16.12
N ALA A 376 5.16 -24.23 -17.02
CA ALA A 376 3.88 -23.76 -17.62
C ALA A 376 3.17 -24.94 -18.27
N GLY A 377 1.90 -25.18 -17.91
CA GLY A 377 1.01 -26.18 -18.54
C GLY A 377 1.10 -27.56 -17.90
N GLU A 378 1.95 -27.74 -16.90
CA GLU A 378 2.40 -29.08 -16.42
C GLU A 378 1.30 -29.78 -15.61
N ASP A 379 0.60 -29.05 -14.75
CA ASP A 379 -0.21 -29.60 -13.62
C ASP A 379 -1.58 -28.92 -13.60
N HIS A 380 -2.41 -29.23 -12.59
CA HIS A 380 -3.68 -28.53 -12.27
C HIS A 380 -4.68 -28.65 -13.41
N PRO A 381 -5.04 -29.89 -13.84
CA PRO A 381 -5.96 -30.09 -14.96
C PRO A 381 -7.37 -29.50 -14.75
N VAL A 382 -7.87 -29.48 -13.51
CA VAL A 382 -9.27 -29.03 -13.21
C VAL A 382 -9.32 -27.51 -13.40
N ALA A 383 -8.36 -26.76 -12.86
CA ALA A 383 -8.26 -25.30 -13.05
C ALA A 383 -8.26 -24.98 -14.55
N ARG A 384 -7.50 -25.74 -15.34
CA ARG A 384 -7.42 -25.58 -16.83
C ARG A 384 -8.78 -25.89 -17.47
N ALA A 385 -9.41 -27.00 -17.08
CA ALA A 385 -10.73 -27.43 -17.60
C ALA A 385 -11.78 -26.34 -17.32
N VAL A 386 -11.77 -25.77 -16.12
CA VAL A 386 -12.74 -24.72 -15.69
C VAL A 386 -12.53 -23.48 -16.56
N ILE A 387 -11.28 -23.03 -16.74
CA ILE A 387 -10.94 -21.85 -17.59
C ILE A 387 -11.38 -22.13 -19.04
N ALA A 388 -11.19 -23.36 -19.53
CA ALA A 388 -11.45 -23.75 -20.94
C ALA A 388 -12.94 -23.58 -21.32
N ASP A 389 -13.88 -23.81 -20.41
CA ASP A 389 -15.33 -23.90 -20.77
C ASP A 389 -16.18 -22.90 -19.99
N SER A 390 -15.59 -21.93 -19.29
CA SER A 390 -16.35 -21.00 -18.40
C SER A 390 -16.30 -19.56 -18.90
N LEU A 391 -17.39 -18.83 -18.67
CA LEU A 391 -17.46 -17.35 -18.75
C LEU A 391 -17.97 -16.82 -17.41
N THR A 392 -17.68 -15.55 -17.12
CA THR A 392 -18.05 -14.89 -15.85
C THR A 392 -18.89 -13.63 -16.14
N LEU A 393 -19.74 -13.27 -15.19
CA LEU A 393 -20.33 -11.92 -15.09
C LEU A 393 -19.69 -11.23 -13.88
N GLN A 394 -19.16 -10.03 -14.08
CA GLN A 394 -18.53 -9.20 -13.03
C GLN A 394 -19.33 -7.91 -12.90
N LYS A 395 -19.43 -7.39 -11.67
CA LYS A 395 -19.82 -6.00 -11.32
C LYS A 395 -21.34 -5.78 -11.40
N ARG A 396 -21.97 -6.05 -12.55
CA ARG A 396 -23.32 -5.52 -12.89
C ARG A 396 -24.37 -6.06 -11.91
N HIS A 397 -24.22 -7.32 -11.47
CA HIS A 397 -25.17 -8.03 -10.57
C HIS A 397 -24.98 -7.58 -9.12
N LEU A 398 -23.94 -6.79 -8.81
CA LEU A 398 -23.64 -6.33 -7.43
C LEU A 398 -24.60 -5.22 -6.99
N HIS A 399 -25.11 -4.44 -7.95
CA HIS A 399 -25.96 -3.24 -7.71
C HIS A 399 -27.36 -3.69 -7.31
N PRO A 400 -27.94 -3.16 -6.20
CA PRO A 400 -29.24 -3.60 -5.72
C PRO A 400 -30.42 -3.36 -6.68
N GLU A 401 -30.26 -2.47 -7.67
CA GLU A 401 -31.30 -2.10 -8.66
C GLU A 401 -31.16 -2.91 -9.96
N SER A 402 -30.26 -3.90 -10.01
CA SER A 402 -29.91 -4.64 -11.26
C SER A 402 -30.88 -5.78 -11.54
N GLY A 403 -31.97 -5.92 -10.76
CA GLY A 403 -32.99 -6.96 -10.96
C GLY A 403 -33.46 -7.07 -12.40
N GLU A 404 -33.99 -5.98 -12.97
CA GLU A 404 -34.51 -5.93 -14.35
C GLU A 404 -33.38 -6.24 -15.34
N LEU A 405 -32.19 -5.69 -15.13
CA LEU A 405 -31.01 -5.92 -16.00
C LEU A 405 -30.70 -7.42 -16.10
N LEU A 406 -30.66 -8.12 -14.96
CA LEU A 406 -30.32 -9.58 -14.94
C LEU A 406 -31.43 -10.37 -15.66
N HIS A 407 -32.68 -9.90 -15.60
CA HIS A 407 -33.80 -10.52 -16.36
C HIS A 407 -33.58 -10.31 -17.87
N LEU A 408 -33.03 -9.17 -18.27
CA LEU A 408 -32.65 -8.92 -19.70
C LEU A 408 -31.49 -9.85 -20.09
N TYR A 409 -30.50 -10.05 -19.21
CA TYR A 409 -29.39 -11.01 -19.41
C TYR A 409 -29.97 -12.42 -19.64
N ALA A 410 -30.92 -12.83 -18.79
CA ALA A 410 -31.60 -14.14 -18.91
C ALA A 410 -32.34 -14.23 -20.25
N ASP A 411 -33.00 -13.15 -20.70
CA ASP A 411 -33.64 -13.09 -22.03
C ASP A 411 -32.58 -13.42 -23.10
N ALA A 412 -31.39 -12.81 -22.99
CA ALA A 412 -30.26 -12.99 -23.94
C ALA A 412 -29.84 -14.46 -23.96
N PHE A 413 -29.60 -15.06 -22.79
CA PHE A 413 -29.21 -16.49 -22.64
C PHE A 413 -30.26 -17.38 -23.31
N GLU A 414 -31.54 -17.13 -23.06
CA GLU A 414 -32.68 -17.94 -23.60
C GLU A 414 -32.69 -17.82 -25.13
N LYS A 415 -32.47 -16.61 -25.68
CA LYS A 415 -32.38 -16.37 -27.16
C LYS A 415 -31.26 -17.23 -27.75
N VAL A 416 -30.06 -17.15 -27.17
CA VAL A 416 -28.85 -17.89 -27.67
C VAL A 416 -29.15 -19.40 -27.62
N TRP A 417 -29.76 -19.88 -26.54
CA TRP A 417 -30.05 -21.32 -26.32
C TRP A 417 -31.19 -21.79 -27.22
N ALA A 418 -32.00 -20.88 -27.76
CA ALA A 418 -33.08 -21.19 -28.75
C ALA A 418 -32.48 -21.31 -30.16
N ASN A 419 -31.17 -21.08 -30.32
CA ASN A 419 -30.47 -21.14 -31.63
C ASN A 419 -29.21 -22.01 -31.50
N PRO A 420 -29.34 -23.27 -31.04
CA PRO A 420 -28.16 -24.13 -30.83
C PRO A 420 -27.36 -24.40 -32.12
N ASP A 421 -28.03 -24.47 -33.26
CA ASP A 421 -27.40 -24.71 -34.60
C ASP A 421 -26.42 -23.57 -34.91
N MET A 422 -26.79 -22.33 -34.60
CA MET A 422 -25.96 -21.13 -34.87
C MET A 422 -24.76 -21.10 -33.90
N VAL A 423 -24.96 -21.53 -32.65
CA VAL A 423 -23.87 -21.69 -31.65
C VAL A 423 -22.86 -22.71 -32.20
N ALA A 424 -23.35 -23.87 -32.64
CA ALA A 424 -22.55 -24.99 -33.18
C ALA A 424 -21.74 -24.53 -34.40
N THR A 425 -22.39 -23.79 -35.31
CA THR A 425 -21.77 -23.22 -36.55
C THR A 425 -20.61 -22.29 -36.17
N LEU A 426 -20.82 -21.35 -35.25
CA LEU A 426 -19.78 -20.39 -34.80
CA LEU A 426 -19.80 -20.39 -34.78
C LEU A 426 -18.62 -21.15 -34.15
N ALA A 427 -18.93 -22.10 -33.26
CA ALA A 427 -17.94 -22.91 -32.52
C ALA A 427 -17.07 -23.70 -33.51
N GLY A 428 -17.67 -24.22 -34.59
CA GLY A 428 -17.00 -25.08 -35.58
C GLY A 428 -16.27 -24.31 -36.66
N ALA A 429 -16.49 -22.99 -36.78
CA ALA A 429 -15.96 -22.13 -37.87
C ALA A 429 -14.48 -21.81 -37.61
N ALA A 430 -13.73 -21.55 -38.68
CA ALA A 430 -12.32 -21.10 -38.66
C ALA A 430 -12.24 -19.67 -38.12
N SER B 2 7.10 39.78 32.44
CA SER B 2 7.73 38.87 31.43
C SER B 2 8.42 37.68 32.13
N LYS B 3 7.77 37.10 33.13
CA LYS B 3 8.22 35.87 33.84
C LYS B 3 8.05 34.68 32.89
N LEU B 4 8.90 33.66 33.01
CA LEU B 4 8.83 32.41 32.20
C LEU B 4 7.51 31.71 32.50
N ALA B 5 6.82 31.22 31.45
CA ALA B 5 5.54 30.50 31.54
C ALA B 5 5.69 29.22 32.37
N ALA B 6 6.90 28.62 32.38
CA ALA B 6 7.24 27.41 33.14
C ALA B 6 7.06 27.64 34.65
N PHE B 7 7.10 28.90 35.10
CA PHE B 7 7.02 29.30 36.53
C PHE B 7 5.88 30.30 36.75
N GLY B 8 4.75 30.09 36.08
CA GLY B 8 3.49 30.85 36.31
C GLY B 8 3.34 32.07 35.43
N GLY B 9 4.40 32.46 34.69
CA GLY B 9 4.41 33.67 33.84
C GLY B 9 3.45 33.55 32.67
N PRO B 10 3.17 34.66 31.94
CA PRO B 10 2.30 34.60 30.76
C PRO B 10 3.05 33.98 29.60
N PRO B 11 2.44 33.03 28.84
CA PRO B 11 3.12 32.43 27.69
C PRO B 11 3.27 33.44 26.54
N ALA B 12 4.45 33.43 25.88
CA ALA B 12 4.77 34.27 24.71
C ALA B 12 3.82 33.93 23.55
N VAL B 13 3.35 32.68 23.49
CA VAL B 13 2.34 32.20 22.50
C VAL B 13 1.03 31.92 23.25
N PRO B 14 -0.01 32.78 23.10
CA PRO B 14 -1.32 32.52 23.72
C PRO B 14 -1.93 31.20 23.22
N ARG B 15 -2.65 30.50 24.10
CA ARG B 15 -3.25 29.16 23.83
C ARG B 15 -4.09 29.19 22.56
N ASP B 16 -4.87 30.26 22.35
CA ASP B 16 -5.85 30.36 21.23
C ASP B 16 -5.15 30.71 19.91
N ARG B 17 -3.80 30.78 19.89
CA ARG B 17 -2.99 31.15 18.70
C ARG B 17 -2.11 29.96 18.25
N ARG B 18 -2.18 28.82 18.93
CA ARG B 18 -1.21 27.70 18.80
C ARG B 18 -1.60 26.73 17.68
N HIS B 19 -2.91 26.50 17.47
CA HIS B 19 -3.41 25.51 16.48
C HIS B 19 -3.04 25.94 15.06
N VAL B 20 -2.51 25.01 14.28
CA VAL B 20 -2.24 25.17 12.81
C VAL B 20 -2.81 23.95 12.10
N GLU B 21 -3.60 24.18 11.05
CA GLU B 21 -4.24 23.15 10.19
C GLU B 21 -3.24 22.74 9.09
N TRP B 22 -2.81 21.48 9.07
CA TRP B 22 -2.01 20.92 7.94
C TRP B 22 -2.39 19.46 7.73
N PRO B 23 -2.82 19.05 6.51
CA PRO B 23 -2.91 19.93 5.34
C PRO B 23 -3.89 21.11 5.49
N LEU B 24 -3.64 22.19 4.75
CA LEU B 24 -4.54 23.35 4.61
C LEU B 24 -5.60 23.00 3.56
N VAL B 25 -6.80 22.63 4.01
CA VAL B 25 -7.91 22.16 3.13
C VAL B 25 -8.77 23.38 2.74
N GLU B 26 -8.87 23.64 1.43
CA GLU B 26 -9.73 24.69 0.84
C GLU B 26 -10.92 24.00 0.17
N ASP B 27 -11.95 24.76 -0.19
CA ASP B 27 -13.16 24.24 -0.89
C ASP B 27 -12.76 23.56 -2.21
N GLU B 28 -11.73 24.08 -2.90
N GLU B 28 -11.72 24.05 -2.90
CA GLU B 28 -11.21 23.52 -4.17
CA GLU B 28 -11.26 23.48 -4.20
C GLU B 28 -10.69 22.09 -3.93
C GLU B 28 -10.67 22.08 -3.95
N ASP B 29 -10.11 21.82 -2.77
CA ASP B 29 -9.63 20.46 -2.36
C ASP B 29 -10.84 19.54 -2.22
N ARG B 30 -11.85 19.98 -1.47
CA ARG B 30 -13.10 19.20 -1.21
C ARG B 30 -13.78 18.90 -2.54
N LYS B 31 -13.91 19.91 -3.41
CA LYS B 31 -14.53 19.76 -4.75
C LYS B 31 -13.75 18.73 -5.57
N ALA B 32 -12.42 18.83 -5.60
CA ALA B 32 -11.52 17.92 -6.35
C ALA B 32 -11.79 16.47 -5.90
N VAL B 33 -11.89 16.24 -4.60
CA VAL B 33 -12.12 14.88 -4.01
C VAL B 33 -13.51 14.38 -4.44
N ILE B 34 -14.56 15.19 -4.23
CA ILE B 34 -15.97 14.81 -4.58
C ILE B 34 -16.09 14.61 -6.10
N ASP B 35 -15.46 15.47 -6.90
CA ASP B 35 -15.46 15.35 -8.39
C ASP B 35 -14.83 14.01 -8.79
N ALA B 36 -13.72 13.63 -8.14
CA ALA B 36 -13.00 12.35 -8.37
C ALA B 36 -13.92 11.18 -8.01
N LEU B 37 -14.68 11.32 -6.90
CA LEU B 37 -15.62 10.30 -6.39
C LEU B 37 -16.76 10.09 -7.41
N ASP B 38 -17.35 11.19 -7.91
CA ASP B 38 -18.52 11.18 -8.84
C ASP B 38 -18.06 10.88 -10.27
N GLY B 39 -16.84 11.32 -10.63
CA GLY B 39 -16.20 11.02 -11.93
C GLY B 39 -16.06 9.53 -12.16
N ALA B 40 -15.85 8.76 -11.08
CA ALA B 40 -15.77 7.28 -11.07
C ALA B 40 -14.62 6.81 -11.97
N ARG B 41 -13.43 7.39 -11.78
CA ARG B 41 -12.19 7.04 -12.53
C ARG B 41 -11.00 7.06 -11.55
N ASN B 50 -8.33 10.06 -15.76
CA ASN B 50 -7.79 9.38 -14.54
C ASN B 50 -7.01 10.40 -13.71
N PRO B 51 -7.48 10.75 -12.48
CA PRO B 51 -6.74 11.68 -11.61
C PRO B 51 -5.28 11.28 -11.32
N VAL B 52 -4.97 9.97 -11.30
CA VAL B 52 -3.60 9.48 -10.99
C VAL B 52 -2.64 9.88 -12.12
N SER B 53 -2.98 9.59 -13.37
CA SER B 53 -2.15 9.94 -14.54
C SER B 53 -2.09 11.46 -14.70
N THR B 54 -3.16 12.17 -14.34
CA THR B 54 -3.21 13.67 -14.35
C THR B 54 -2.16 14.20 -13.37
N LEU B 55 -2.08 13.65 -12.15
CA LEU B 55 -1.07 14.06 -11.14
C LEU B 55 0.33 13.73 -11.67
N GLU B 56 0.51 12.56 -12.28
CA GLU B 56 1.81 12.11 -12.85
C GLU B 56 2.30 13.15 -13.86
N GLU B 57 1.45 13.56 -14.80
CA GLU B 57 1.76 14.54 -15.87
C GLU B 57 2.12 15.90 -15.23
N GLN B 58 1.32 16.35 -14.27
CA GLN B 58 1.44 17.69 -13.64
C GLN B 58 2.74 17.77 -12.82
N TRP B 59 3.05 16.71 -12.07
CA TRP B 59 4.29 16.64 -11.23
C TRP B 59 5.52 16.65 -12.15
N ALA B 60 5.52 15.82 -13.19
CA ALA B 60 6.62 15.71 -14.19
C ALA B 60 6.82 17.07 -14.86
N GLY B 61 5.71 17.69 -15.31
CA GLY B 61 5.69 18.99 -15.98
C GLY B 61 6.26 20.09 -15.08
N ARG B 62 5.74 20.19 -13.85
CA ARG B 62 6.09 21.27 -12.88
C ARG B 62 7.60 21.22 -12.55
N PHE B 63 8.15 20.03 -12.32
CA PHE B 63 9.50 19.84 -11.74
C PHE B 63 10.48 19.32 -12.80
N GLY B 64 10.04 19.20 -14.06
CA GLY B 64 10.90 18.96 -15.24
C GLY B 64 11.45 17.55 -15.32
N PHE B 65 10.69 16.55 -14.86
CA PHE B 65 11.11 15.12 -14.88
C PHE B 65 10.62 14.46 -16.18
N GLY B 66 11.39 13.51 -16.70
CA GLY B 66 11.03 12.73 -17.91
C GLY B 66 9.82 11.85 -17.66
N HIS B 67 9.76 11.22 -16.48
CA HIS B 67 8.73 10.23 -16.11
C HIS B 67 8.33 10.42 -14.65
N CYS B 68 7.05 10.27 -14.35
CA CYS B 68 6.49 10.22 -12.98
C CYS B 68 5.52 9.05 -12.88
N VAL B 69 5.75 8.15 -11.93
CA VAL B 69 4.85 7.00 -11.62
C VAL B 69 4.31 7.20 -10.21
N ALA B 70 2.99 7.41 -10.10
CA ALA B 70 2.27 7.59 -8.83
C ALA B 70 2.10 6.20 -8.19
N VAL B 71 2.40 6.11 -6.90
CA VAL B 71 2.34 4.85 -6.11
C VAL B 71 1.65 5.14 -4.79
N SER B 72 1.47 4.11 -3.96
CA SER B 72 0.70 4.15 -2.70
C SER B 72 1.37 5.05 -1.66
N THR B 73 2.70 5.00 -1.56
CA THR B 73 3.48 5.61 -0.45
C THR B 73 4.89 5.99 -0.94
N GLY B 74 5.56 6.89 -0.21
CA GLY B 74 6.99 7.20 -0.43
C GLY B 74 7.86 5.97 -0.21
N THR B 75 7.49 5.12 0.74
CA THR B 75 8.21 3.86 1.06
C THR B 75 8.17 2.94 -0.17
N ALA B 76 7.00 2.79 -0.80
CA ALA B 76 6.80 1.94 -2.00
C ALA B 76 7.59 2.53 -3.18
N ALA B 77 7.63 3.85 -3.33
CA ALA B 77 8.44 4.54 -4.36
C ALA B 77 9.91 4.09 -4.23
N LEU B 78 10.44 4.08 -2.99
CA LEU B 78 11.85 3.68 -2.71
C LEU B 78 12.06 2.20 -3.05
N SER B 79 11.19 1.31 -2.56
CA SER B 79 11.37 -0.16 -2.74
C SER B 79 11.19 -0.53 -4.21
N LEU B 80 10.22 0.06 -4.91
CA LEU B 80 10.00 -0.18 -6.36
C LEU B 80 11.19 0.36 -7.17
N ALA B 81 11.78 1.49 -6.75
CA ALA B 81 12.98 2.09 -7.38
C ALA B 81 14.14 1.10 -7.28
N LEU B 82 14.37 0.52 -6.09
CA LEU B 82 15.45 -0.48 -5.86
C LEU B 82 15.24 -1.68 -6.78
N ALA B 83 14.02 -2.21 -6.83
CA ALA B 83 13.61 -3.36 -7.67
C ALA B 83 13.91 -3.05 -9.15
N ALA B 84 13.49 -1.87 -9.62
CA ALA B 84 13.66 -1.41 -11.02
C ALA B 84 15.15 -1.31 -11.38
N LEU B 85 16.01 -0.99 -10.39
CA LEU B 85 17.47 -0.78 -10.61
C LEU B 85 18.24 -2.08 -10.33
N GLY B 86 17.55 -3.21 -10.18
CA GLY B 86 18.15 -4.55 -10.09
C GLY B 86 18.78 -4.83 -8.74
N VAL B 87 18.42 -4.03 -7.72
CA VAL B 87 18.92 -4.21 -6.33
C VAL B 87 18.08 -5.29 -5.67
N GLY B 88 18.71 -6.26 -5.00
CA GLY B 88 17.99 -7.41 -4.41
C GLY B 88 18.87 -8.26 -3.50
N PRO B 89 18.52 -9.54 -3.29
CA PRO B 89 19.28 -10.44 -2.43
C PRO B 89 20.80 -10.40 -2.68
N GLY B 90 21.59 -10.28 -1.60
CA GLY B 90 23.06 -10.25 -1.64
C GLY B 90 23.62 -8.85 -1.87
N ASP B 91 22.76 -7.86 -2.15
CA ASP B 91 23.17 -6.45 -2.41
C ASP B 91 23.10 -5.65 -1.11
N GLU B 92 24.02 -4.70 -0.97
CA GLU B 92 24.04 -3.68 0.13
C GLU B 92 23.62 -2.33 -0.45
N VAL B 93 22.81 -1.59 0.30
CA VAL B 93 22.34 -0.22 -0.05
C VAL B 93 22.76 0.71 1.08
N ILE B 94 23.60 1.70 0.77
CA ILE B 94 24.09 2.70 1.78
C ILE B 94 23.02 3.77 1.94
N VAL B 95 22.60 4.00 3.18
CA VAL B 95 21.56 4.99 3.58
C VAL B 95 22.09 5.75 4.81
N PRO B 96 21.53 6.93 5.14
CA PRO B 96 22.01 7.70 6.29
C PRO B 96 21.59 7.06 7.63
N ALA B 97 22.44 7.22 8.65
CA ALA B 97 22.19 6.75 10.04
C ALA B 97 21.11 7.63 10.70
N LEU B 98 20.92 8.86 10.20
CA LEU B 98 19.83 9.77 10.62
C LEU B 98 18.88 9.96 9.43
N SER B 99 17.66 9.44 9.56
CA SER B 99 16.56 9.59 8.58
C SER B 99 15.27 9.07 9.20
N PHE B 100 14.16 9.19 8.47
CA PHE B 100 12.93 8.43 8.75
C PHE B 100 13.24 6.95 8.49
N ILE B 101 12.67 6.05 9.29
CA ILE B 101 13.01 4.60 9.25
C ILE B 101 12.74 4.02 7.85
N ALA B 102 11.81 4.59 7.08
CA ALA B 102 11.44 4.11 5.72
C ALA B 102 12.69 4.01 4.83
N THR B 103 13.63 4.95 4.94
CA THR B 103 14.88 4.96 4.14
C THR B 103 15.68 3.68 4.41
N GLY B 104 15.77 3.25 5.66
CA GLY B 104 16.48 2.02 6.07
C GLY B 104 15.71 0.74 5.74
N LEU B 105 14.37 0.80 5.74
CA LEU B 105 13.49 -0.39 5.53
C LEU B 105 13.37 -0.71 4.03
N ALA B 106 13.42 0.30 3.15
CA ALA B 106 13.21 0.14 1.70
C ALA B 106 14.15 -0.93 1.14
N PRO B 107 15.46 -0.93 1.48
CA PRO B 107 16.34 -2.04 1.08
C PRO B 107 15.85 -3.41 1.58
N VAL B 108 15.46 -3.50 2.84
CA VAL B 108 14.95 -4.77 3.45
C VAL B 108 13.72 -5.24 2.67
N HIS B 109 12.82 -4.32 2.27
CA HIS B 109 11.58 -4.61 1.52
C HIS B 109 11.88 -5.26 0.17
N GLN B 110 13.07 -4.99 -0.40
CA GLN B 110 13.53 -5.55 -1.69
C GLN B 110 14.58 -6.64 -1.44
N MET B 111 14.66 -7.14 -0.19
CA MET B 111 15.51 -8.28 0.25
C MET B 111 17.01 -7.93 0.09
N ALA B 112 17.33 -6.64 0.16
CA ALA B 112 18.72 -6.12 0.18
C ALA B 112 19.07 -5.73 1.62
N VAL B 113 20.36 -5.53 1.90
CA VAL B 113 20.87 -5.21 3.27
C VAL B 113 21.17 -3.72 3.33
N PRO B 114 20.54 -2.96 4.25
CA PRO B 114 20.86 -1.56 4.43
C PRO B 114 22.19 -1.40 5.18
N VAL B 115 23.04 -0.51 4.70
CA VAL B 115 24.34 -0.14 5.34
C VAL B 115 24.27 1.35 5.69
N PHE B 116 24.53 1.68 6.96
CA PHE B 116 24.29 3.01 7.54
C PHE B 116 25.60 3.82 7.51
N ALA B 117 25.58 4.95 6.79
CA ALA B 117 26.66 5.96 6.74
C ALA B 117 26.30 7.09 7.70
N ASP B 118 27.29 7.60 8.45
CA ASP B 118 27.11 8.73 9.39
C ASP B 118 26.77 9.98 8.58
N VAL B 119 26.27 11.01 9.24
CA VAL B 119 25.78 12.25 8.60
C VAL B 119 26.72 13.41 8.92
N ASP B 120 26.49 14.54 8.28
CA ASP B 120 27.22 15.81 8.47
C ASP B 120 26.69 16.48 9.73
N PRO B 121 27.56 17.07 10.58
CA PRO B 121 27.11 17.69 11.83
C PRO B 121 26.27 18.97 11.66
N VAL B 122 26.24 19.55 10.45
CA VAL B 122 25.54 20.84 10.17
C VAL B 122 24.41 20.59 9.15
N THR B 123 24.66 19.84 8.07
CA THR B 123 23.65 19.57 7.00
C THR B 123 22.69 18.46 7.44
N PHE B 124 23.14 17.58 8.35
CA PHE B 124 22.39 16.40 8.87
C PHE B 124 22.18 15.36 7.77
N ASN B 125 22.89 15.49 6.64
CA ASN B 125 22.76 14.60 5.46
C ASN B 125 23.95 13.64 5.44
N LEU B 126 23.82 12.52 4.72
CA LEU B 126 24.84 11.43 4.74
C LEU B 126 26.18 12.01 4.26
N ASP B 127 27.23 11.80 5.05
CA ASP B 127 28.60 12.28 4.78
C ASP B 127 29.19 11.45 3.65
N PRO B 128 29.48 12.03 2.47
CA PRO B 128 30.03 11.27 1.35
C PRO B 128 31.34 10.55 1.71
N ASP B 129 32.17 11.15 2.56
CA ASP B 129 33.44 10.55 3.05
C ASP B 129 33.14 9.23 3.79
N ASP B 130 32.08 9.21 4.61
CA ASP B 130 31.71 8.00 5.38
C ASP B 130 31.06 6.98 4.45
N VAL B 131 30.29 7.42 3.45
CA VAL B 131 29.71 6.55 2.38
C VAL B 131 30.85 5.73 1.78
N GLU B 132 31.92 6.39 1.33
CA GLU B 132 33.11 5.75 0.70
C GLU B 132 33.66 4.65 1.62
N ARG B 133 33.74 4.91 2.92
CA ARG B 133 34.34 4.00 3.92
C ARG B 133 33.47 2.75 4.11
N ARG B 134 32.19 2.80 3.73
CA ARG B 134 31.22 1.71 3.99
C ARG B 134 30.93 0.92 2.71
N ILE B 135 31.55 1.30 1.59
CA ILE B 135 31.42 0.56 0.31
C ILE B 135 32.14 -0.79 0.48
N THR B 136 31.50 -1.87 0.00
CA THR B 136 32.07 -3.23 -0.10
C THR B 136 31.86 -3.72 -1.54
N GLY B 137 32.30 -4.94 -1.84
CA GLY B 137 32.02 -5.62 -3.12
C GLY B 137 30.52 -5.84 -3.33
N ARG B 138 29.73 -5.80 -2.25
CA ARG B 138 28.26 -6.09 -2.28
C ARG B 138 27.45 -4.80 -2.52
N THR B 139 28.05 -3.62 -2.35
CA THR B 139 27.33 -2.33 -2.50
C THR B 139 26.76 -2.22 -3.91
N ALA B 140 25.47 -1.93 -4.05
CA ALA B 140 24.77 -1.81 -5.35
C ALA B 140 24.15 -0.42 -5.52
N ALA B 141 23.85 0.29 -4.44
CA ALA B 141 23.09 1.56 -4.50
C ALA B 141 23.35 2.43 -3.28
N ILE B 142 23.08 3.73 -3.44
CA ILE B 142 23.08 4.75 -2.37
C ILE B 142 21.71 5.43 -2.37
N ILE B 143 21.10 5.57 -1.20
CA ILE B 143 19.87 6.41 -1.02
C ILE B 143 20.28 7.65 -0.24
N PRO B 144 20.75 8.72 -0.92
CA PRO B 144 20.91 10.02 -0.27
C PRO B 144 19.52 10.54 0.09
N VAL B 145 19.36 11.03 1.33
CA VAL B 145 18.12 11.67 1.83
C VAL B 145 18.37 13.18 1.86
N HIS B 146 17.45 13.96 1.28
CA HIS B 146 17.39 15.44 1.45
C HIS B 146 16.67 15.71 2.77
N LEU B 147 17.35 15.46 3.90
CA LEU B 147 16.69 15.37 5.23
C LEU B 147 16.26 16.78 5.67
N HIS B 148 15.02 16.86 6.19
CA HIS B 148 14.37 18.09 6.72
C HIS B 148 14.07 19.08 5.59
N GLY B 149 14.43 18.77 4.35
CA GLY B 149 14.26 19.66 3.18
C GLY B 149 15.56 20.16 2.58
N ALA B 150 16.71 19.88 3.21
CA ALA B 150 18.05 20.31 2.76
C ALA B 150 18.59 19.30 1.74
N PRO B 151 18.83 19.69 0.47
CA PRO B 151 19.46 18.78 -0.49
C PRO B 151 20.84 18.30 0.00
N ALA B 152 21.09 17.00 -0.18
CA ALA B 152 22.34 16.30 0.19
C ALA B 152 23.44 16.69 -0.80
N ASP B 153 24.66 16.24 -0.52
CA ASP B 153 25.88 16.52 -1.33
C ASP B 153 25.86 15.65 -2.57
N MET B 154 25.02 15.99 -3.55
CA MET B 154 24.71 15.12 -4.71
C MET B 154 25.90 15.06 -5.68
N ASP B 155 26.74 16.09 -5.75
CA ASP B 155 27.96 16.08 -6.58
C ASP B 155 28.86 14.93 -6.13
N ARG B 156 29.11 14.83 -4.82
CA ARG B 156 29.99 13.80 -4.20
C ARG B 156 29.31 12.42 -4.30
N ILE B 157 28.01 12.33 -3.98
CA ILE B 157 27.26 11.03 -3.98
C ILE B 157 27.27 10.44 -5.40
N THR B 158 26.98 11.25 -6.42
CA THR B 158 26.95 10.80 -7.84
C THR B 158 28.36 10.42 -8.29
N ALA B 159 29.38 11.18 -7.89
CA ALA B 159 30.81 10.92 -8.19
C ALA B 159 31.21 9.54 -7.64
N ILE B 160 30.89 9.27 -6.38
CA ILE B 160 31.14 7.96 -5.72
C ILE B 160 30.40 6.85 -6.48
N ALA B 161 29.13 7.08 -6.82
CA ALA B 161 28.26 6.10 -7.53
C ALA B 161 28.85 5.76 -8.90
N ARG B 162 29.29 6.77 -9.66
CA ARG B 162 29.89 6.58 -11.01
C ARG B 162 31.19 5.75 -10.88
N ARG B 163 32.03 6.05 -9.89
CA ARG B 163 33.31 5.36 -9.61
C ARG B 163 33.05 3.85 -9.38
N HIS B 164 32.08 3.51 -8.54
CA HIS B 164 31.83 2.12 -8.05
C HIS B 164 30.68 1.44 -8.79
N GLY B 165 30.11 2.09 -9.82
CA GLY B 165 28.98 1.56 -10.62
C GLY B 165 27.73 1.35 -9.77
N LEU B 166 27.42 2.27 -8.87
CA LEU B 166 26.27 2.18 -7.93
C LEU B 166 25.07 2.95 -8.50
N ALA B 167 23.85 2.47 -8.21
CA ALA B 167 22.59 3.20 -8.47
C ALA B 167 22.42 4.28 -7.40
N VAL B 168 21.84 5.42 -7.75
CA VAL B 168 21.47 6.51 -6.81
C VAL B 168 19.95 6.72 -6.87
N ILE B 169 19.27 6.49 -5.75
CA ILE B 169 17.83 6.82 -5.56
C ILE B 169 17.76 7.94 -4.53
N GLU B 170 17.31 9.13 -4.94
CA GLU B 170 17.09 10.27 -4.01
C GLU B 170 15.83 10.01 -3.20
N ASP B 171 15.95 10.03 -1.87
CA ASP B 171 14.80 10.12 -0.94
C ASP B 171 14.50 11.60 -0.74
N ALA B 172 13.63 12.16 -1.58
CA ALA B 172 13.24 13.59 -1.62
C ALA B 172 11.90 13.80 -0.89
N ALA B 173 11.51 12.87 -0.01
CA ALA B 173 10.19 12.87 0.68
C ALA B 173 10.01 14.20 1.43
N GLN B 174 11.08 14.73 2.03
CA GLN B 174 11.02 15.94 2.90
C GLN B 174 11.47 17.18 2.12
N ALA B 175 11.63 17.14 0.80
CA ALA B 175 12.28 18.22 0.03
C ALA B 175 11.59 18.55 -1.30
N PRO B 176 10.24 18.51 -1.42
CA PRO B 176 9.61 18.94 -2.67
C PRO B 176 9.90 20.43 -2.93
N GLY B 177 10.22 20.79 -4.16
CA GLY B 177 10.56 22.16 -4.56
C GLY B 177 12.02 22.52 -4.31
N ALA B 178 12.73 21.75 -3.49
CA ALA B 178 14.17 21.98 -3.19
C ALA B 178 14.99 21.82 -4.47
N THR B 179 16.12 22.54 -4.58
CA THR B 179 17.02 22.51 -5.77
C THR B 179 18.46 22.29 -5.33
N HIS B 180 19.25 21.63 -6.18
CA HIS B 180 20.70 21.41 -6.01
C HIS B 180 21.40 21.93 -7.27
N ARG B 181 22.23 22.96 -7.15
CA ARG B 181 22.82 23.71 -8.30
C ARG B 181 21.69 24.07 -9.28
N GLY B 182 20.55 24.52 -8.76
CA GLY B 182 19.41 25.01 -9.57
C GLY B 182 18.55 23.90 -10.15
N ARG B 183 18.89 22.62 -9.90
CA ARG B 183 18.17 21.46 -10.47
C ARG B 183 17.15 20.96 -9.45
N PRO B 184 15.89 20.69 -9.87
CA PRO B 184 14.91 20.06 -8.98
C PRO B 184 15.43 18.74 -8.39
N VAL B 185 15.41 18.61 -7.06
CA VAL B 185 15.77 17.33 -6.36
C VAL B 185 14.84 16.24 -6.90
N GLY B 186 15.34 15.01 -6.96
CA GLY B 186 14.63 13.83 -7.50
C GLY B 186 15.07 13.49 -8.91
N GLY B 187 15.61 14.46 -9.66
CA GLY B 187 15.97 14.30 -11.08
C GLY B 187 17.47 14.11 -11.29
N ILE B 188 18.25 14.08 -10.21
CA ILE B 188 19.75 14.04 -10.26
C ILE B 188 20.21 12.58 -10.20
N GLY B 189 19.66 11.79 -9.28
CA GLY B 189 19.91 10.34 -9.19
C GLY B 189 19.26 9.59 -10.33
N ASP B 190 19.43 8.26 -10.38
CA ASP B 190 18.77 7.37 -11.37
C ASP B 190 17.25 7.51 -11.23
N ALA B 191 16.77 7.70 -10.01
CA ALA B 191 15.34 7.89 -9.68
C ALA B 191 15.22 8.72 -8.40
N GLY B 192 14.06 9.33 -8.18
CA GLY B 192 13.73 10.13 -7.00
C GLY B 192 12.41 9.70 -6.40
N ALA B 193 12.35 9.60 -5.07
CA ALA B 193 11.14 9.23 -4.30
C ALA B 193 10.59 10.46 -3.57
N PHE B 194 9.29 10.71 -3.73
CA PHE B 194 8.52 11.75 -2.99
C PHE B 194 7.40 11.07 -2.20
N SER B 195 7.10 11.62 -1.03
CA SER B 195 5.95 11.23 -0.16
C SER B 195 4.91 12.36 -0.19
N LEU B 196 3.65 11.99 -0.45
CA LEU B 196 2.47 12.91 -0.36
C LEU B 196 1.75 12.70 0.98
N GLN B 197 2.39 12.03 1.95
CA GLN B 197 1.80 11.82 3.29
C GLN B 197 1.30 13.17 3.84
N ALA B 198 0.21 13.14 4.61
CA ALA B 198 -0.57 14.32 5.06
C ALA B 198 0.32 15.37 5.76
N THR B 199 1.44 14.94 6.37
CA THR B 199 2.35 15.84 7.14
C THR B 199 3.36 16.54 6.22
N LYS B 200 3.46 16.15 4.94
CA LYS B 200 4.57 16.57 4.04
C LYS B 200 4.22 17.92 3.36
N ASN B 201 5.19 18.54 2.69
CA ASN B 201 5.13 19.94 2.20
C ASN B 201 4.10 20.09 1.06
N ILE B 202 3.93 19.08 0.20
CA ILE B 202 2.83 19.02 -0.79
C ILE B 202 2.00 17.78 -0.48
N PRO B 203 1.07 17.88 0.48
CA PRO B 203 0.40 16.70 1.02
C PRO B 203 -0.78 16.22 0.16
N THR B 204 -1.18 14.97 0.35
CA THR B 204 -2.52 14.46 -0.02
C THR B 204 -3.33 14.28 1.27
N CYS B 205 -4.62 14.00 1.14
CA CYS B 205 -5.53 13.71 2.27
C CYS B 205 -5.34 12.25 2.69
N GLY B 206 -4.17 11.93 3.24
CA GLY B 206 -3.79 10.58 3.70
C GLY B 206 -2.41 10.18 3.20
N GLU B 207 -2.34 9.11 2.39
CA GLU B 207 -1.07 8.48 1.94
C GLU B 207 -0.93 8.67 0.43
N GLY B 208 0.32 8.75 -0.06
CA GLY B 208 0.65 8.80 -1.48
C GLY B 208 2.16 8.86 -1.68
N GLY B 209 2.62 8.37 -2.84
CA GLY B 209 4.03 8.41 -3.23
C GLY B 209 4.17 8.70 -4.71
N LEU B 210 5.29 9.31 -5.10
CA LEU B 210 5.65 9.53 -6.51
C LEU B 210 7.10 9.06 -6.72
N LEU B 211 7.31 8.25 -7.76
CA LEU B 211 8.64 7.87 -8.28
C LEU B 211 8.87 8.69 -9.55
N VAL B 212 10.01 9.39 -9.62
CA VAL B 212 10.41 10.17 -10.83
C VAL B 212 11.74 9.61 -11.35
N THR B 213 11.96 9.69 -12.65
CA THR B 213 13.17 9.18 -13.34
C THR B 213 13.22 9.76 -14.76
N GLY B 214 14.43 9.82 -15.34
CA GLY B 214 14.64 10.13 -16.76
C GLY B 214 14.61 8.87 -17.61
N ASN B 215 14.63 7.70 -16.98
CA ASN B 215 14.78 6.38 -17.67
C ASN B 215 13.40 5.74 -17.87
N ALA B 216 12.98 5.61 -19.14
CA ALA B 216 11.67 5.05 -19.55
C ALA B 216 11.50 3.62 -19.02
N GLU B 217 12.56 2.79 -19.08
CA GLU B 217 12.51 1.36 -18.66
C GLU B 217 12.32 1.26 -17.14
N LEU B 218 13.03 2.10 -16.37
CA LEU B 218 12.89 2.19 -14.90
C LEU B 218 11.44 2.55 -14.56
N ALA B 219 10.90 3.60 -15.18
CA ALA B 219 9.50 4.05 -15.01
C ALA B 219 8.53 2.89 -15.28
N GLU B 220 8.72 2.15 -16.37
CA GLU B 220 7.83 1.04 -16.81
C GLU B 220 7.89 -0.08 -15.77
N SER B 221 9.07 -0.40 -15.25
CA SER B 221 9.27 -1.42 -14.18
C SER B 221 8.42 -1.05 -12.96
N VAL B 222 8.51 0.20 -12.51
CA VAL B 222 7.76 0.73 -11.32
C VAL B 222 6.25 0.67 -11.62
N ARG B 223 5.86 1.07 -12.83
N ARG B 223 5.86 1.05 -12.84
CA ARG B 223 4.45 1.12 -13.32
CA ARG B 223 4.43 1.11 -13.28
C ARG B 223 3.83 -0.29 -13.21
C ARG B 223 3.82 -0.30 -13.22
N ARG B 224 4.58 -1.33 -13.60
CA ARG B 224 4.15 -2.75 -13.51
C ARG B 224 4.20 -3.22 -12.05
N GLY B 225 5.29 -2.92 -11.34
CA GLY B 225 5.54 -3.36 -9.96
C GLY B 225 4.47 -2.90 -8.99
N ARG B 226 3.84 -1.75 -9.25
CA ARG B 226 2.85 -1.14 -8.33
C ARG B 226 1.49 -1.84 -8.47
N GLN B 227 1.29 -2.67 -9.50
CA GLN B 227 -0.03 -3.26 -9.87
C GLN B 227 0.13 -4.73 -10.25
N PHE B 228 0.75 -5.53 -9.36
CA PHE B 228 0.85 -7.01 -9.43
C PHE B 228 1.64 -7.46 -10.65
N GLY B 229 2.44 -6.59 -11.25
CA GLY B 229 3.24 -6.88 -12.46
C GLY B 229 2.43 -6.83 -13.75
N GLU B 230 1.19 -6.32 -13.70
CA GLU B 230 0.26 -6.25 -14.85
C GLU B 230 0.51 -4.97 -15.66
N VAL B 231 0.07 -4.98 -16.92
CA VAL B 231 -0.02 -3.78 -17.81
C VAL B 231 -1.49 -3.37 -17.84
N ILE B 232 -1.80 -2.16 -17.34
CA ILE B 232 -3.19 -1.63 -17.19
C ILE B 232 -3.33 -0.40 -18.09
N GLU B 233 -4.30 -0.41 -19.00
CA GLU B 233 -4.56 0.66 -20.00
C GLU B 233 -6.06 0.95 -20.07
N SER B 234 -6.42 2.23 -20.18
CA SER B 234 -7.81 2.73 -20.36
C SER B 234 -8.40 2.17 -21.66
N GLY B 235 -9.56 1.52 -21.58
CA GLY B 235 -10.30 0.98 -22.74
C GLY B 235 -9.99 -0.47 -23.04
N ARG B 236 -8.90 -1.01 -22.47
CA ARG B 236 -8.44 -2.42 -22.67
C ARG B 236 -8.93 -3.28 -21.51
N GLU B 237 -9.65 -4.37 -21.80
CA GLU B 237 -10.18 -5.34 -20.81
C GLU B 237 -9.00 -5.98 -20.06
N ARG B 238 -9.08 -6.04 -18.73
CA ARG B 238 -8.03 -6.60 -17.84
C ARG B 238 -7.92 -8.11 -18.06
N ASP B 239 -6.75 -8.59 -18.44
CA ASP B 239 -6.49 -10.03 -18.76
C ASP B 239 -5.78 -10.71 -17.59
N TYR B 240 -5.33 -9.95 -16.58
CA TYR B 240 -4.69 -10.44 -15.34
C TYR B 240 -3.35 -11.14 -15.65
N VAL B 241 -2.75 -10.85 -16.80
CA VAL B 241 -1.40 -11.36 -17.20
C VAL B 241 -0.35 -10.50 -16.47
N SER B 242 0.45 -11.12 -15.60
CA SER B 242 1.51 -10.49 -14.78
C SER B 242 2.88 -10.84 -15.37
N TYR B 243 3.79 -9.86 -15.47
CA TYR B 243 5.07 -9.98 -16.23
C TYR B 243 6.28 -10.03 -15.28
N GLY B 244 6.05 -10.20 -13.98
CA GLY B 244 7.12 -10.26 -12.96
C GLY B 244 6.55 -10.10 -11.56
N LEU B 245 7.42 -10.01 -10.55
CA LEU B 245 7.01 -9.84 -9.13
C LEU B 245 6.46 -8.43 -8.94
N GLY B 246 5.19 -8.34 -8.51
CA GLY B 246 4.50 -7.06 -8.26
C GLY B 246 3.84 -7.06 -6.89
N TRP B 247 3.38 -5.88 -6.48
CA TRP B 247 2.65 -5.63 -5.22
C TRP B 247 1.38 -4.85 -5.54
N ASN B 248 0.56 -4.61 -4.53
CA ASN B 248 -0.48 -3.55 -4.59
C ASN B 248 0.12 -2.29 -3.98
N HIS B 249 0.77 -1.46 -4.81
CA HIS B 249 1.31 -0.12 -4.45
C HIS B 249 0.59 0.95 -5.27
N LYS B 250 -0.71 0.78 -5.54
CA LYS B 250 -1.51 1.73 -6.35
C LYS B 250 -1.83 2.96 -5.50
N MET B 251 -1.74 4.16 -6.09
CA MET B 251 -2.27 5.40 -5.49
C MET B 251 -3.79 5.41 -5.65
N ASN B 252 -4.49 5.99 -4.67
CA ASN B 252 -5.94 6.31 -4.74
C ASN B 252 -6.16 7.53 -5.63
N ALA B 253 -7.16 7.47 -6.52
CA ALA B 253 -7.56 8.58 -7.42
C ALA B 253 -7.94 9.82 -6.60
N LEU B 254 -8.70 9.64 -5.52
CA LEU B 254 -9.18 10.79 -4.68
C LEU B 254 -7.97 11.54 -4.11
N GLN B 255 -6.97 10.81 -3.60
CA GLN B 255 -5.73 11.39 -3.02
C GLN B 255 -4.97 12.14 -4.14
N ALA B 256 -4.93 11.58 -5.34
CA ALA B 256 -4.25 12.19 -6.52
C ALA B 256 -4.92 13.53 -6.87
N ALA B 257 -6.26 13.54 -6.93
CA ALA B 257 -7.07 14.74 -7.24
C ALA B 257 -6.81 15.83 -6.20
N PHE B 258 -6.78 15.46 -4.92
CA PHE B 258 -6.51 16.38 -3.79
C PHE B 258 -5.14 17.05 -3.97
N THR B 259 -4.10 16.27 -4.28
CA THR B 259 -2.70 16.79 -4.42
C THR B 259 -2.64 17.72 -5.66
N SER B 260 -3.35 17.39 -6.74
CA SER B 260 -3.45 18.27 -7.94
C SER B 260 -3.99 19.64 -7.53
N ALA B 261 -5.00 19.68 -6.67
CA ALA B 261 -5.58 20.93 -6.13
C ALA B 261 -4.52 21.66 -5.32
N GLN B 262 -3.83 20.96 -4.42
CA GLN B 262 -2.74 21.50 -3.56
C GLN B 262 -1.65 22.14 -4.44
N LEU B 263 -1.31 21.53 -5.59
CA LEU B 263 -0.22 21.99 -6.49
C LEU B 263 -0.52 23.39 -7.04
N THR B 264 -1.81 23.74 -7.23
CA THR B 264 -2.24 25.04 -7.81
C THR B 264 -1.91 26.19 -6.83
N ARG B 265 -1.68 25.89 -5.55
CA ARG B 265 -1.30 26.92 -4.53
C ARG B 265 0.15 26.74 -4.07
N PHE B 266 0.87 25.73 -4.57
CA PHE B 266 2.22 25.37 -4.09
C PHE B 266 3.13 26.60 -4.12
N ASP B 267 3.20 27.28 -5.28
CA ASP B 267 4.12 28.43 -5.51
C ASP B 267 3.85 29.52 -4.45
N ASP B 268 2.57 29.83 -4.19
CA ASP B 268 2.16 30.84 -3.18
C ASP B 268 2.53 30.36 -1.77
N TYR B 269 2.21 29.10 -1.44
CA TYR B 269 2.52 28.47 -0.13
C TYR B 269 4.04 28.46 0.07
N GLU B 270 4.79 28.14 -1.00
CA GLU B 270 6.27 28.03 -1.00
C GLU B 270 6.88 29.40 -0.69
N SER B 271 6.46 30.45 -1.39
CA SER B 271 6.90 31.86 -1.18
C SER B 271 6.71 32.26 0.29
N ALA B 272 5.52 32.00 0.85
CA ALA B 272 5.16 32.34 2.25
C ALA B 272 6.11 31.63 3.22
N ARG B 273 6.28 30.31 3.05
CA ARG B 273 7.19 29.47 3.89
C ARG B 273 8.60 30.06 3.86
N GLN B 274 9.14 30.31 2.67
CA GLN B 274 10.53 30.79 2.47
C GLN B 274 10.71 32.10 3.24
N ARG B 275 9.81 33.06 3.02
CA ARG B 275 9.79 34.40 3.68
C ARG B 275 9.66 34.22 5.20
N ASN B 276 8.65 33.45 5.64
CA ASN B 276 8.32 33.25 7.08
C ASN B 276 9.48 32.55 7.79
N VAL B 277 10.05 31.50 7.20
CA VAL B 277 11.15 30.70 7.83
C VAL B 277 12.40 31.59 7.91
N ALA B 278 12.72 32.32 6.85
CA ALA B 278 13.91 33.21 6.77
C ALA B 278 13.88 34.24 7.91
N ALA B 279 12.72 34.88 8.14
CA ALA B 279 12.51 35.90 9.17
C ALA B 279 12.65 35.27 10.57
N PHE B 280 12.05 34.09 10.76
CA PHE B 280 12.10 33.31 12.03
C PHE B 280 13.56 32.96 12.38
N LEU B 281 14.30 32.37 11.44
CA LEU B 281 15.68 31.89 11.68
C LEU B 281 16.63 33.10 11.87
N ALA B 282 16.37 34.22 11.18
CA ALA B 282 17.17 35.47 11.32
C ALA B 282 17.21 35.89 12.78
N ARG B 283 16.06 35.87 13.47
CA ARG B 283 15.95 36.27 14.90
C ARG B 283 16.62 35.22 15.80
N LEU B 284 16.44 33.93 15.53
CA LEU B 284 16.99 32.84 16.38
C LEU B 284 18.51 32.76 16.21
N ALA B 285 19.03 33.07 15.02
CA ALA B 285 20.48 33.01 14.69
C ALA B 285 21.28 33.96 15.57
N GLU B 286 20.66 35.02 16.09
CA GLU B 286 21.32 36.04 16.95
C GLU B 286 21.50 35.51 18.38
N LEU B 287 20.78 34.45 18.76
CA LEU B 287 20.84 33.88 20.14
C LEU B 287 22.09 33.00 20.27
N PRO B 288 23.00 33.29 21.23
CA PRO B 288 24.24 32.54 21.37
C PRO B 288 24.04 31.09 21.85
N GLY B 289 24.67 30.13 21.16
CA GLY B 289 24.54 28.70 21.45
C GLY B 289 23.34 28.09 20.75
N LEU B 290 22.70 28.84 19.84
CA LEU B 290 21.60 28.36 18.98
C LEU B 290 22.11 28.35 17.53
N ARG B 291 22.18 27.17 16.92
CA ARG B 291 22.54 27.00 15.48
C ARG B 291 21.27 26.75 14.69
N VAL B 292 20.85 27.72 13.89
CA VAL B 292 19.66 27.59 12.99
C VAL B 292 20.05 26.66 11.86
N PRO B 293 19.09 25.86 11.31
CA PRO B 293 19.37 25.03 10.14
C PRO B 293 19.69 25.90 8.92
N THR B 294 20.51 25.37 8.02
CA THR B 294 20.97 26.08 6.80
C THR B 294 20.88 25.16 5.58
N ALA B 295 20.64 25.74 4.41
CA ALA B 295 20.93 25.16 3.09
C ALA B 295 22.45 25.18 2.90
N ALA B 296 23.03 24.07 2.45
CA ALA B 296 24.43 24.01 1.97
C ALA B 296 24.57 24.96 0.78
N PRO B 297 25.79 25.44 0.46
CA PRO B 297 26.00 26.31 -0.70
C PRO B 297 25.46 25.70 -2.00
N ASP B 298 24.88 26.53 -2.87
CA ASP B 298 24.35 26.16 -4.21
C ASP B 298 23.21 25.13 -4.07
N THR B 299 22.43 25.21 -2.99
CA THR B 299 21.18 24.44 -2.79
C THR B 299 20.10 25.39 -2.22
N THR B 300 18.83 25.00 -2.36
CA THR B 300 17.68 25.64 -1.66
C THR B 300 16.99 24.60 -0.77
N HIS B 301 16.61 25.03 0.43
CA HIS B 301 15.97 24.21 1.50
C HIS B 301 14.45 24.28 1.34
N ALA B 302 13.75 23.16 1.54
CA ALA B 302 12.27 23.05 1.53
C ALA B 302 11.71 23.37 2.91
N TRP B 303 12.55 23.32 3.95
CA TRP B 303 12.19 23.66 5.35
C TRP B 303 11.03 22.77 5.84
N HIS B 304 11.03 21.48 5.50
CA HIS B 304 9.99 20.53 5.97
C HIS B 304 10.03 20.47 7.50
N ILE B 305 11.23 20.33 8.07
CA ILE B 305 11.48 20.30 9.53
C ILE B 305 12.63 21.25 9.84
N LEU B 306 12.53 22.04 10.91
CA LEU B 306 13.60 22.95 11.37
C LEU B 306 14.31 22.30 12.56
N ARG B 307 15.55 21.83 12.37
CA ARG B 307 16.37 21.24 13.46
C ARG B 307 17.39 22.28 13.92
N PHE B 308 17.41 22.54 15.22
CA PHE B 308 18.30 23.50 15.91
C PHE B 308 19.25 22.70 16.81
N ARG B 309 20.55 22.97 16.74
CA ARG B 309 21.57 22.42 17.67
C ARG B 309 21.85 23.46 18.76
N PHE B 310 21.92 23.03 20.01
CA PHE B 310 22.14 23.89 21.20
C PHE B 310 23.47 23.54 21.87
N ASP B 311 24.32 24.55 22.08
CA ASP B 311 25.69 24.42 22.62
C ASP B 311 25.69 24.75 24.10
N PRO B 312 25.95 23.78 25.01
CA PRO B 312 26.04 24.06 26.44
C PRO B 312 27.05 25.16 26.81
N ALA B 313 28.13 25.28 26.05
CA ALA B 313 29.18 26.31 26.20
C ALA B 313 28.56 27.71 26.39
N ALA B 314 27.52 28.02 25.62
CA ALA B 314 26.86 29.35 25.58
C ALA B 314 26.12 29.67 26.88
N PHE B 315 25.81 28.65 27.69
CA PHE B 315 25.10 28.79 29.00
C PHE B 315 26.05 28.47 30.16
N GLY B 316 27.37 28.49 29.90
CA GLY B 316 28.44 28.25 30.89
C GLY B 316 28.36 26.85 31.49
N LEU B 317 27.76 25.90 30.77
CA LEU B 317 27.59 24.49 31.23
C LEU B 317 28.77 23.65 30.72
N ASP B 318 29.96 23.90 31.30
CA ASP B 318 31.25 23.24 30.91
C ASP B 318 31.14 21.73 31.09
N GLY B 319 30.40 21.26 32.11
CA GLY B 319 30.28 19.84 32.47
C GLY B 319 29.02 19.18 31.92
N VAL B 320 27.91 19.93 31.81
CA VAL B 320 26.53 19.40 31.58
C VAL B 320 26.47 18.66 30.24
N ARG B 321 25.99 17.40 30.27
CA ARG B 321 25.61 16.58 29.09
C ARG B 321 24.69 17.43 28.19
N PRO B 322 24.89 17.42 26.84
CA PRO B 322 24.06 18.22 25.95
C PRO B 322 22.56 17.91 26.06
N GLN B 323 22.22 16.64 26.37
CA GLN B 323 20.82 16.16 26.53
C GLN B 323 20.12 16.94 27.66
N ALA B 324 20.86 17.32 28.71
CA ALA B 324 20.33 18.07 29.87
C ALA B 324 19.87 19.47 29.42
N LEU B 325 20.67 20.15 28.60
CA LEU B 325 20.31 21.47 28.02
C LEU B 325 19.10 21.30 27.08
N ARG B 326 19.12 20.25 26.25
CA ARG B 326 18.02 19.91 25.31
C ARG B 326 16.71 19.81 26.10
N SER B 327 16.71 19.02 27.19
CA SER B 327 15.54 18.78 28.08
C SER B 327 15.05 20.12 28.66
N ALA B 328 15.96 20.90 29.23
CA ALA B 328 15.69 22.20 29.89
C ALA B 328 15.03 23.16 28.87
N LEU B 329 15.65 23.33 27.69
CA LEU B 329 15.15 24.24 26.63
C LEU B 329 13.78 23.75 26.14
N ARG B 330 13.62 22.44 25.97
CA ARG B 330 12.34 21.83 25.51
C ARG B 330 11.22 22.22 26.49
N ARG B 331 11.43 21.97 27.79
CA ARG B 331 10.45 22.26 28.87
C ARG B 331 10.08 23.76 28.82
N LEU B 332 11.08 24.64 28.81
CA LEU B 332 10.87 26.11 28.89
C LEU B 332 10.15 26.61 27.62
N LEU B 333 10.59 26.19 26.43
CA LEU B 333 10.01 26.65 25.14
C LEU B 333 8.57 26.13 25.02
N ARG B 334 8.29 24.89 25.44
CA ARG B 334 6.93 24.28 25.35
C ARG B 334 5.97 25.03 26.27
N ALA B 335 6.43 25.43 27.47
CA ALA B 335 5.65 26.21 28.46
C ALA B 335 5.22 27.56 27.85
N GLU B 336 6.08 28.16 27.02
CA GLU B 336 5.79 29.46 26.32
C GLU B 336 4.83 29.21 25.15
N GLY B 337 4.63 27.95 24.77
CA GLY B 337 3.66 27.54 23.73
C GLY B 337 4.33 27.22 22.40
N VAL B 338 5.66 27.03 22.39
CA VAL B 338 6.40 26.58 21.17
C VAL B 338 6.50 25.07 21.22
N PRO B 339 5.84 24.32 20.29
CA PRO B 339 5.79 22.86 20.37
C PRO B 339 7.08 22.22 19.87
N MET B 340 8.19 22.45 20.58
CA MET B 340 9.52 21.90 20.24
C MET B 340 9.48 20.40 20.51
N SER B 341 9.94 19.62 19.54
CA SER B 341 9.93 18.14 19.55
C SER B 341 11.34 17.62 19.27
N GLN B 342 11.55 16.31 19.43
CA GLN B 342 12.64 15.58 18.76
C GLN B 342 12.07 14.97 17.48
N TYR B 343 12.92 14.75 16.48
CA TYR B 343 12.61 13.95 15.27
C TYR B 343 13.70 12.87 15.17
N GLN B 344 13.36 11.64 15.60
CA GLN B 344 14.28 10.49 15.76
C GLN B 344 14.96 10.59 17.12
N LEU B 345 14.76 9.60 17.99
CA LEU B 345 15.37 9.53 19.36
C LEU B 345 16.71 8.79 19.28
N MET B 346 16.97 8.09 18.18
CA MET B 346 18.19 7.25 17.99
C MET B 346 18.54 7.19 16.51
N PRO B 347 19.83 6.96 16.18
CA PRO B 347 20.22 6.63 14.81
C PRO B 347 19.47 5.35 14.37
N LEU B 348 19.17 5.22 13.09
CA LEU B 348 18.47 4.04 12.52
C LEU B 348 19.17 2.74 12.90
N PRO B 349 20.52 2.66 12.89
CA PRO B 349 21.23 1.45 13.34
C PRO B 349 20.85 0.91 14.73
N ASP B 350 20.36 1.78 15.62
CA ASP B 350 19.93 1.39 16.99
C ASP B 350 18.52 0.79 16.99
N GLN B 351 17.75 0.95 15.90
CA GLN B 351 16.36 0.45 15.82
C GLN B 351 16.40 -1.08 15.89
N LYS B 352 15.50 -1.67 16.68
CA LYS B 352 15.45 -3.13 16.96
C LYS B 352 15.53 -3.93 15.66
N VAL B 353 14.82 -3.51 14.61
CA VAL B 353 14.74 -4.25 13.31
C VAL B 353 16.16 -4.43 12.74
N PHE B 354 17.03 -3.42 12.86
CA PHE B 354 18.39 -3.42 12.27
C PHE B 354 19.41 -4.02 13.25
N VAL B 355 19.08 -4.10 14.54
CA VAL B 355 19.94 -4.72 15.59
C VAL B 355 19.72 -6.24 15.57
N ASP B 356 18.47 -6.68 15.69
CA ASP B 356 18.10 -8.12 15.77
C ASP B 356 18.41 -8.82 14.44
N ARG B 357 18.25 -8.11 13.32
CA ARG B 357 18.53 -8.63 11.95
C ARG B 357 17.81 -9.96 11.75
N VAL B 358 16.52 -10.04 12.15
CA VAL B 358 15.62 -11.20 11.88
C VAL B 358 14.98 -11.00 10.51
N GLY B 359 14.53 -9.77 10.21
CA GLY B 359 13.87 -9.41 8.93
C GLY B 359 12.60 -10.21 8.71
N PHE B 360 12.46 -10.83 7.54
CA PHE B 360 11.30 -11.67 7.13
C PHE B 360 11.25 -12.95 7.98
N GLY B 361 12.37 -13.33 8.61
CA GLY B 361 12.56 -14.59 9.33
C GLY B 361 13.88 -15.23 8.95
N GLY B 362 14.49 -15.97 9.88
CA GLY B 362 15.78 -16.68 9.66
C GLY B 362 16.90 -15.74 9.25
N GLY B 363 16.80 -14.47 9.60
CA GLY B 363 17.86 -13.45 9.39
C GLY B 363 17.89 -12.88 7.99
N TYR B 364 16.96 -13.25 7.10
CA TYR B 364 16.89 -12.73 5.71
C TYR B 364 16.32 -11.31 5.78
N PRO B 365 16.92 -10.30 5.10
CA PRO B 365 17.94 -10.51 4.05
C PRO B 365 19.42 -10.64 4.44
N TRP B 366 19.77 -10.45 5.72
CA TRP B 366 21.18 -10.45 6.21
C TRP B 366 21.84 -11.80 5.98
N THR B 367 21.07 -12.90 6.09
CA THR B 367 21.55 -14.29 5.94
C THR B 367 22.24 -14.47 4.58
N VAL B 368 21.78 -13.79 3.53
CA VAL B 368 22.35 -13.93 2.14
C VAL B 368 23.81 -13.45 2.15
N THR B 369 24.11 -12.31 2.79
CA THR B 369 25.45 -11.66 2.77
C THR B 369 26.32 -12.19 3.92
N GLY B 370 25.74 -12.98 4.83
CA GLY B 370 26.42 -13.47 6.06
C GLY B 370 26.65 -12.36 7.07
N ALA B 371 25.83 -11.29 7.02
CA ALA B 371 25.90 -10.12 7.92
C ALA B 371 24.90 -10.30 9.06
N THR B 372 24.88 -11.48 9.67
CA THR B 372 23.91 -11.91 10.72
C THR B 372 24.44 -11.47 12.10
N GLY B 373 25.76 -11.53 12.31
CA GLY B 373 26.43 -11.10 13.55
C GLY B 373 26.54 -9.58 13.67
N PRO B 374 27.42 -9.04 14.55
CA PRO B 374 27.53 -7.60 14.77
C PRO B 374 27.82 -6.79 13.49
N ALA B 375 27.22 -5.60 13.40
CA ALA B 375 27.26 -4.70 12.23
C ALA B 375 28.72 -4.38 11.87
N ALA B 376 29.05 -4.43 10.58
CA ALA B 376 30.38 -4.11 10.02
C ALA B 376 30.64 -2.59 10.15
N GLY B 377 31.91 -2.21 10.24
CA GLY B 377 32.35 -0.80 10.20
C GLY B 377 32.15 -0.09 11.53
N GLU B 378 32.26 1.24 11.52
CA GLU B 378 32.31 2.09 12.73
C GLU B 378 30.90 2.39 13.25
N ASP B 379 30.86 2.95 14.46
CA ASP B 379 29.68 3.64 15.07
C ASP B 379 29.34 4.88 14.23
N HIS B 380 28.33 5.65 14.66
CA HIS B 380 27.82 6.86 13.96
C HIS B 380 27.79 8.03 14.96
N PRO B 381 28.96 8.53 15.40
CA PRO B 381 29.02 9.53 16.46
C PRO B 381 28.36 10.88 16.12
N VAL B 382 28.33 11.27 14.84
CA VAL B 382 27.76 12.58 14.41
C VAL B 382 26.23 12.49 14.55
N ALA B 383 25.60 11.44 14.00
CA ALA B 383 24.16 11.16 14.15
C ALA B 383 23.78 11.23 15.64
N ARG B 384 24.57 10.59 16.51
CA ARG B 384 24.31 10.54 17.98
C ARG B 384 24.43 11.95 18.57
N ALA B 385 25.48 12.67 18.21
CA ALA B 385 25.78 14.04 18.71
C ALA B 385 24.65 14.99 18.30
N VAL B 386 24.18 14.91 17.05
CA VAL B 386 23.08 15.76 16.51
C VAL B 386 21.81 15.49 17.33
N ILE B 387 21.46 14.22 17.56
CA ILE B 387 20.25 13.84 18.35
C ILE B 387 20.42 14.35 19.79
N ALA B 388 21.63 14.29 20.34
CA ALA B 388 21.94 14.60 21.75
C ALA B 388 21.63 16.07 22.07
N ASP B 389 21.84 16.99 21.13
CA ASP B 389 21.82 18.46 21.44
C ASP B 389 20.79 19.21 20.57
N SER B 390 19.89 18.52 19.87
CA SER B 390 18.96 19.18 18.89
C SER B 390 17.49 19.02 19.31
N LEU B 391 16.69 20.04 19.00
CA LEU B 391 15.20 20.01 19.00
C LEU B 391 14.73 20.45 17.62
N THR B 392 13.51 20.06 17.26
CA THR B 392 12.90 20.32 15.93
C THR B 392 11.58 21.06 16.11
N LEU B 393 11.24 21.90 15.14
CA LEU B 393 9.85 22.38 14.91
C LEU B 393 9.29 21.65 13.68
N GLN B 394 8.11 21.04 13.84
CA GLN B 394 7.41 20.30 12.76
C GLN B 394 6.05 20.96 12.51
N LYS B 395 5.61 21.00 11.25
CA LYS B 395 4.23 21.30 10.79
C LYS B 395 3.93 22.81 10.80
N ARG B 396 4.06 23.49 11.95
CA ARG B 396 3.45 24.81 12.22
C ARG B 396 3.96 25.86 11.21
N HIS B 397 5.24 25.77 10.82
CA HIS B 397 5.92 26.73 9.91
C HIS B 397 5.56 26.45 8.44
N LEU B 398 4.85 25.36 8.14
CA LEU B 398 4.52 24.96 6.74
C LEU B 398 3.32 25.77 6.21
N HIS B 399 2.47 26.26 7.12
CA HIS B 399 1.21 26.96 6.80
C HIS B 399 1.52 28.38 6.32
N PRO B 400 0.98 28.83 5.16
CA PRO B 400 1.33 30.14 4.61
C PRO B 400 0.97 31.35 5.49
N GLU B 401 0.08 31.18 6.47
CA GLU B 401 -0.39 32.27 7.37
C GLU B 401 0.26 32.17 8.76
N SER B 402 1.34 31.39 8.90
CA SER B 402 2.05 31.17 10.19
C SER B 402 3.06 32.29 10.49
N GLY B 403 3.13 33.32 9.64
CA GLY B 403 4.02 34.48 9.85
C GLY B 403 3.95 35.02 11.28
N GLU B 404 2.76 35.39 11.74
CA GLU B 404 2.53 35.97 13.09
C GLU B 404 2.91 34.94 14.16
N LEU B 405 2.58 33.66 13.95
CA LEU B 405 2.86 32.57 14.93
C LEU B 405 4.38 32.42 15.11
N LEU B 406 5.15 32.42 14.02
CA LEU B 406 6.63 32.29 14.07
C LEU B 406 7.24 33.54 14.74
N HIS B 407 6.59 34.70 14.61
CA HIS B 407 6.98 35.95 15.33
C HIS B 407 6.88 35.69 16.84
N LEU B 408 5.79 35.07 17.30
CA LEU B 408 5.56 34.73 18.74
C LEU B 408 6.54 33.65 19.18
N TYR B 409 6.88 32.69 18.31
CA TYR B 409 7.89 31.64 18.58
C TYR B 409 9.23 32.32 18.89
N ALA B 410 9.64 33.27 18.04
CA ALA B 410 10.89 34.05 18.17
C ALA B 410 10.86 34.84 19.50
N ASP B 411 9.70 35.40 19.86
CA ASP B 411 9.47 36.07 21.17
C ASP B 411 9.81 35.09 22.30
N ALA B 412 9.29 33.86 22.20
CA ALA B 412 9.46 32.79 23.22
C ALA B 412 10.95 32.44 23.36
N PHE B 413 11.65 32.24 22.24
CA PHE B 413 13.10 31.90 22.20
C PHE B 413 13.89 33.03 22.88
N GLU B 414 13.70 34.27 22.42
CA GLU B 414 14.38 35.48 22.95
C GLU B 414 14.10 35.59 24.46
N LYS B 415 12.87 35.28 24.89
CA LYS B 415 12.45 35.32 26.32
C LYS B 415 13.23 34.27 27.12
N VAL B 416 13.34 33.04 26.60
CA VAL B 416 14.08 31.92 27.27
C VAL B 416 15.56 32.30 27.36
N TRP B 417 16.12 32.89 26.31
CA TRP B 417 17.57 33.29 26.24
C TRP B 417 17.86 34.47 27.15
N ALA B 418 16.84 35.25 27.52
CA ALA B 418 16.94 36.39 28.47
C ALA B 418 16.96 35.88 29.92
N ASN B 419 16.79 34.57 30.12
CA ASN B 419 16.85 33.91 31.46
C ASN B 419 17.91 32.82 31.45
N PRO B 420 19.19 33.13 31.09
CA PRO B 420 20.22 32.10 30.98
C PRO B 420 20.52 31.37 32.30
N ASP B 421 20.43 32.06 33.44
CA ASP B 421 20.65 31.48 34.79
C ASP B 421 19.63 30.37 35.04
N MET B 422 18.37 30.58 34.65
CA MET B 422 17.27 29.60 34.86
C MET B 422 17.47 28.38 33.96
N VAL B 423 17.93 28.58 32.72
CA VAL B 423 18.24 27.49 31.76
C VAL B 423 19.34 26.60 32.37
N ALA B 424 20.42 27.21 32.85
CA ALA B 424 21.59 26.54 33.48
C ALA B 424 21.13 25.75 34.71
N THR B 425 20.25 26.34 35.53
CA THR B 425 19.68 25.72 36.75
C THR B 425 18.93 24.43 36.37
N LEU B 426 17.97 24.54 35.45
CA LEU B 426 17.13 23.40 34.98
C LEU B 426 17.99 22.31 34.35
N ALA B 427 18.99 22.69 33.55
CA ALA B 427 19.96 21.79 32.91
C ALA B 427 20.76 21.04 34.00
N GLY B 428 21.05 21.72 35.11
CA GLY B 428 21.73 21.15 36.30
C GLY B 428 20.99 19.95 36.87
N ALA B 429 19.66 19.95 36.80
CA ALA B 429 18.77 18.83 37.21
C ALA B 429 18.14 18.19 35.97
C1 GOL C . -19.41 -28.30 5.09
O1 GOL C . -20.56 -29.05 4.74
C2 GOL C . -18.25 -28.62 4.15
O2 GOL C . -17.13 -27.79 4.47
C3 GOL C . -18.61 -28.45 2.69
O3 GOL C . -19.27 -27.21 2.46
N1 IMD D . 0.29 -0.29 17.32
C2 IMD D . 0.05 -1.23 18.22
N3 IMD D . -0.77 -0.73 19.12
C4 IMD D . -1.21 0.48 18.68
C5 IMD D . -0.63 0.71 17.50
N1 IMD E . -5.09 -23.73 -24.26
C2 IMD E . -5.91 -23.12 -25.10
N3 IMD E . -6.43 -22.09 -24.46
C4 IMD E . -5.60 -21.80 -23.41
C5 IMD E . -4.79 -22.86 -23.25
N1 IMD F . -32.87 -1.56 -3.51
C2 IMD F . -32.59 -2.05 -2.30
N3 IMD F . -31.60 -1.35 -1.80
C4 IMD F . -31.44 -0.22 -2.55
C5 IMD F . -32.17 -0.38 -3.66
N1 IMD G . -7.50 -24.43 11.42
C2 IMD G . -6.17 -24.48 11.54
N3 IMD G . -5.77 -23.35 12.10
C4 IMD G . -6.87 -22.56 12.33
C5 IMD G . -7.93 -23.20 11.79
N1 PLP H . -7.46 -12.13 -3.17
C2 PLP H . -8.59 -12.09 -3.87
C2A PLP H . -9.31 -13.38 -4.13
C3 PLP H . -9.09 -10.87 -4.34
O3 PLP H . -10.25 -10.88 -5.05
C4 PLP H . -8.41 -9.67 -4.08
C4A PLP H . -9.02 -8.38 -4.58
C5 PLP H . -7.21 -9.75 -3.33
C6 PLP H . -6.79 -10.99 -2.91
C5A PLP H . -6.31 -8.59 -3.01
O4P PLP H . -7.00 -7.33 -2.79
P PLP H . -6.36 -5.88 -3.05
O1P PLP H . -4.86 -5.92 -2.74
O2P PLP H . -7.14 -5.03 -2.07
O3P PLP H . -6.63 -5.56 -4.51
N1 IMD I . 27.24 20.11 0.23
C2 IMD I . 26.69 19.50 1.30
N3 IMD I . 25.41 19.29 1.02
C4 IMD I . 25.14 19.78 -0.23
C5 IMD I . 26.29 20.22 -0.75
N1 PLP J . 11.73 8.96 3.81
C2 PLP J . 11.57 10.12 4.43
C2A PLP J . 12.79 10.94 4.72
C3 PLP J . 10.28 10.57 4.79
O3 PLP J . 10.16 11.76 5.42
C4 PLP J . 9.15 9.78 4.50
C4A PLP J . 7.80 10.35 4.88
C5 PLP J . 9.36 8.56 3.83
C6 PLP J . 10.65 8.21 3.53
C5A PLP J . 8.28 7.57 3.49
O4P PLP J . 7.02 8.17 3.09
P PLP J . 5.60 7.44 3.31
O1P PLP J . 5.78 5.95 3.10
O2P PLP J . 4.77 8.09 2.22
O3P PLP J . 5.15 7.77 4.71
#